data_4BFE
#
_entry.id   4BFE
#
_cell.length_a   157.590
_cell.length_b   157.590
_cell.length_c   167.940
_cell.angle_alpha   90.00
_cell.angle_beta   90.00
_cell.angle_gamma   120.00
#
_symmetry.space_group_name_H-M   'P 65 2 2'
#
loop_
_entity.id
_entity.type
_entity.pdbx_description
1 polymer 'CELL SURFACE GLYCOPROTEIN CD200 RECEPTOR 4'
2 non-polymer 2-acetamido-2-deoxy-beta-D-glucopyranose
3 non-polymer CYSTEINE
4 non-polymer 'SULFATE ION'
5 non-polymer GLYCEROL
6 water water
#
_entity_poly.entity_id   1
_entity_poly.type   'polypeptide(L)'
_entity_poly.pdbx_seq_one_letter_code
;TDENQTIQNDSSSSLTQVNTTMSVQMDKKALLCCFSSPLINAVLITWIIKHRHLPSCTIAYNLDKKTNETSCLGRNITWA
STPDHSPELQISAVALQHEGTYTCEIVTPEGNLEKVYDLQVLVPPEVTYFPGKNRTAVCEAMAGKPAAQISWTPDGDCVT
KSESHSNGTVTVRSTCHWEQNNVSVVSCLVSHSTGNQSLSIELSQGTMTTPRSTRHHHHHH
;
_entity_poly.pdbx_strand_id   A,B,C
#
loop_
_chem_comp.id
_chem_comp.type
_chem_comp.name
_chem_comp.formula
GOL non-polymer GLYCEROL 'C3 H8 O3'
NAG D-saccharide, beta linking 2-acetamido-2-deoxy-beta-D-glucopyranose 'C8 H15 N O6'
SO4 non-polymer 'SULFATE ION' 'O4 S -2'
#
# COMPACT_ATOMS: atom_id res chain seq x y z
N GLN A 17 -3.43 -21.78 -21.55
CA GLN A 17 -1.97 -21.58 -21.51
C GLN A 17 -1.62 -20.18 -20.98
N VAL A 18 -1.94 -19.06 -21.72
CA VAL A 18 -1.73 -17.70 -21.18
C VAL A 18 -2.77 -17.50 -20.04
N ASN A 19 -2.24 -17.22 -18.85
CA ASN A 19 -3.06 -17.05 -17.66
C ASN A 19 -2.48 -16.11 -16.62
N THR A 20 -3.33 -15.72 -15.69
CA THR A 20 -2.99 -14.93 -14.53
C THR A 20 -2.91 -15.92 -13.34
N THR A 21 -1.73 -16.00 -12.69
CA THR A 21 -1.61 -16.80 -11.47
C THR A 21 -2.08 -15.91 -10.33
N MET A 22 -2.98 -16.42 -9.51
CA MET A 22 -3.54 -15.69 -8.41
C MET A 22 -3.42 -16.55 -7.15
N SER A 23 -2.89 -15.97 -6.05
CA SER A 23 -2.79 -16.65 -4.74
C SER A 23 -3.76 -15.99 -3.80
N VAL A 24 -4.62 -16.77 -3.16
CA VAL A 24 -5.58 -16.24 -2.19
C VAL A 24 -5.52 -17.07 -0.94
N GLN A 25 -5.63 -16.40 0.19
CA GLN A 25 -5.56 -17.00 1.50
C GLN A 25 -6.93 -17.53 1.93
N MET A 26 -6.93 -18.65 2.71
CA MET A 26 -8.13 -19.30 3.28
C MET A 26 -8.99 -18.28 3.97
N ASP A 27 -10.32 -18.36 3.77
CA ASP A 27 -11.35 -17.53 4.40
C ASP A 27 -11.50 -16.11 3.88
N LYS A 28 -10.60 -15.68 3.00
CA LYS A 28 -10.67 -14.35 2.41
C LYS A 28 -11.60 -14.40 1.19
N LYS A 29 -12.02 -13.21 0.71
CA LYS A 29 -12.85 -13.07 -0.46
C LYS A 29 -11.93 -12.96 -1.69
N ALA A 30 -12.31 -13.60 -2.80
CA ALA A 30 -11.49 -13.48 -4.02
C ALA A 30 -12.37 -12.96 -5.12
N LEU A 31 -11.82 -12.09 -5.98
CA LEU A 31 -12.51 -11.49 -7.09
C LEU A 31 -11.70 -11.69 -8.34
N LEU A 32 -12.32 -12.31 -9.35
CA LEU A 32 -11.65 -12.65 -10.61
C LEU A 32 -12.31 -11.85 -11.68
N CYS A 33 -11.57 -10.91 -12.21
CA CYS A 33 -12.08 -10.00 -13.21
C CYS A 33 -12.00 -10.62 -14.59
N CYS A 34 -13.12 -10.65 -15.30
CA CYS A 34 -13.08 -11.21 -16.63
C CYS A 34 -12.45 -10.19 -17.63
N PHE A 35 -12.95 -8.93 -17.59
CA PHE A 35 -12.46 -7.78 -18.35
C PHE A 35 -13.14 -6.58 -17.74
N SER A 36 -12.62 -5.38 -17.97
CA SER A 36 -13.26 -4.16 -17.51
C SER A 36 -13.19 -3.15 -18.61
N SER A 37 -14.22 -3.10 -19.45
CA SER A 37 -14.26 -2.21 -20.58
C SER A 37 -15.70 -1.95 -21.03
N PRO A 38 -16.07 -0.70 -21.28
CA PRO A 38 -17.43 -0.46 -21.82
C PRO A 38 -17.53 -0.81 -23.31
N LEU A 39 -16.40 -1.09 -23.96
CA LEU A 39 -16.33 -1.34 -25.40
C LEU A 39 -16.52 -2.80 -25.83
N ILE A 40 -16.41 -3.76 -24.89
CA ILE A 40 -16.55 -5.17 -25.26
C ILE A 40 -18.05 -5.53 -25.32
N ASN A 41 -18.55 -5.85 -26.54
CA ASN A 41 -19.96 -6.24 -26.79
C ASN A 41 -20.21 -7.71 -26.40
N ALA A 42 -20.21 -8.05 -25.11
CA ALA A 42 -20.41 -9.44 -24.71
C ALA A 42 -21.88 -9.82 -24.77
N VAL A 43 -22.19 -10.91 -25.49
CA VAL A 43 -23.55 -11.39 -25.57
C VAL A 43 -23.78 -12.46 -24.48
N LEU A 44 -22.79 -13.37 -24.33
CA LEU A 44 -22.83 -14.40 -23.31
CA LEU A 44 -22.79 -14.45 -23.35
C LEU A 44 -21.44 -14.49 -22.63
N ILE A 45 -21.46 -14.59 -21.27
CA ILE A 45 -20.27 -14.71 -20.44
C ILE A 45 -20.42 -15.98 -19.60
N THR A 46 -19.44 -16.87 -19.68
CA THR A 46 -19.49 -18.14 -18.96
C THR A 46 -18.18 -18.35 -18.20
N TRP A 47 -18.26 -18.70 -16.92
CA TRP A 47 -17.09 -19.10 -16.16
C TRP A 47 -17.09 -20.62 -16.04
N ILE A 48 -15.99 -21.27 -16.41
CA ILE A 48 -15.81 -22.72 -16.26
C ILE A 48 -14.75 -22.89 -15.19
N ILE A 49 -15.10 -23.62 -14.12
CA ILE A 49 -14.25 -23.84 -12.96
C ILE A 49 -13.85 -25.29 -12.87
N LYS A 50 -12.55 -25.58 -12.98
CA LYS A 50 -11.97 -26.91 -13.00
C LYS A 50 -10.98 -27.15 -11.88
N HIS A 51 -11.06 -28.35 -11.29
CA HIS A 51 -10.26 -28.78 -10.15
C HIS A 51 -9.51 -30.06 -10.48
N ARG A 52 -8.47 -30.37 -9.70
CA ARG A 52 -7.64 -31.55 -9.93
C ARG A 52 -8.46 -32.82 -9.72
N HIS A 53 -9.28 -32.85 -8.65
CA HIS A 53 -10.09 -34.03 -8.34
C HIS A 53 -11.56 -33.76 -8.30
N LEU A 54 -11.98 -32.65 -7.69
CA LEU A 54 -13.37 -32.21 -7.55
C LEU A 54 -14.02 -31.99 -8.94
N PRO A 55 -15.35 -32.26 -9.11
CA PRO A 55 -15.96 -32.05 -10.44
C PRO A 55 -16.11 -30.57 -10.79
N SER A 56 -16.04 -30.30 -12.09
CA SER A 56 -16.15 -28.96 -12.63
C SER A 56 -17.54 -28.35 -12.47
N CYS A 57 -17.62 -27.02 -12.48
CA CYS A 57 -18.89 -26.30 -12.42
C CYS A 57 -18.84 -25.00 -13.26
N THR A 58 -19.99 -24.39 -13.52
CA THR A 58 -20.14 -23.27 -14.44
C THR A 58 -21.14 -22.27 -13.93
N ILE A 59 -20.87 -20.98 -14.17
CA ILE A 59 -21.79 -19.87 -13.95
C ILE A 59 -21.82 -19.15 -15.31
N ALA A 60 -23.02 -18.90 -15.83
CA ALA A 60 -23.22 -18.28 -17.14
C ALA A 60 -24.23 -17.16 -17.08
N TYR A 61 -24.02 -16.11 -17.90
CA TYR A 61 -24.91 -14.98 -17.95
C TYR A 61 -25.16 -14.59 -19.38
N ASN A 62 -26.45 -14.47 -19.69
CA ASN A 62 -26.87 -14.05 -21.00
C ASN A 62 -27.15 -12.57 -20.91
N LEU A 63 -26.25 -11.72 -21.46
CA LEU A 63 -26.42 -10.27 -21.38
C LEU A 63 -27.52 -9.74 -22.32
N ASP A 64 -27.77 -10.47 -23.41
CA ASP A 64 -28.82 -10.14 -24.36
C ASP A 64 -30.22 -10.34 -23.69
N LYS A 65 -30.52 -11.57 -23.23
CA LYS A 65 -31.79 -11.96 -22.62
C LYS A 65 -31.89 -11.67 -21.13
N LYS A 66 -30.83 -11.12 -20.53
CA LYS A 66 -30.75 -10.79 -19.09
C LYS A 66 -31.06 -12.00 -18.13
N THR A 67 -30.69 -13.22 -18.57
CA THR A 67 -30.88 -14.46 -17.82
C THR A 67 -29.53 -15.08 -17.38
N ASN A 68 -29.56 -15.90 -16.33
CA ASN A 68 -28.36 -16.53 -15.81
C ASN A 68 -28.62 -17.93 -15.31
N GLU A 69 -27.57 -18.76 -15.28
CA GLU A 69 -27.61 -20.13 -14.82
C GLU A 69 -26.36 -20.46 -14.03
N THR A 70 -26.43 -21.49 -13.18
CA THR A 70 -25.33 -21.92 -12.33
C THR A 70 -25.41 -23.39 -12.04
N SER A 71 -24.27 -24.07 -12.04
CA SER A 71 -24.16 -25.46 -11.63
C SER A 71 -23.17 -25.49 -10.45
N CYS A 72 -22.93 -24.30 -9.82
CA CYS A 72 -21.98 -24.10 -8.72
C CYS A 72 -22.64 -23.99 -7.36
N LEU A 73 -23.82 -24.56 -7.18
CA LEU A 73 -24.50 -24.48 -5.88
C LEU A 73 -23.74 -25.28 -4.80
N GLY A 74 -23.52 -24.59 -3.68
CA GLY A 74 -22.80 -25.12 -2.53
C GLY A 74 -21.29 -24.91 -2.59
N ARG A 75 -20.83 -24.14 -3.60
CA ARG A 75 -19.41 -23.86 -3.77
C ARG A 75 -19.04 -22.41 -3.41
N ASN A 76 -20.02 -21.56 -3.02
CA ASN A 76 -19.79 -20.15 -2.65
C ASN A 76 -19.24 -19.25 -3.77
N ILE A 77 -19.41 -19.71 -5.02
CA ILE A 77 -19.02 -19.04 -6.26
C ILE A 77 -20.27 -18.38 -6.84
N THR A 78 -20.19 -17.05 -7.05
CA THR A 78 -21.28 -16.24 -7.64
C THR A 78 -20.67 -15.10 -8.46
N TRP A 79 -21.52 -14.35 -9.16
CA TRP A 79 -21.19 -13.12 -9.87
C TRP A 79 -21.01 -12.06 -8.77
N ALA A 80 -19.92 -11.28 -8.79
CA ALA A 80 -19.66 -10.23 -7.80
C ALA A 80 -20.86 -9.27 -7.74
N SER A 81 -21.39 -8.93 -8.92
CA SER A 81 -22.56 -8.10 -9.16
C SER A 81 -23.12 -8.52 -10.53
N THR A 82 -24.30 -8.03 -10.93
CA THR A 82 -24.87 -8.34 -12.23
C THR A 82 -23.85 -7.95 -13.33
N PRO A 83 -23.43 -8.88 -14.19
CA PRO A 83 -22.42 -8.55 -15.19
C PRO A 83 -22.90 -7.64 -16.34
N ASP A 84 -22.06 -6.61 -16.63
CA ASP A 84 -22.26 -5.64 -17.71
C ASP A 84 -20.91 -5.30 -18.41
N HIS A 85 -20.17 -4.27 -17.91
CA HIS A 85 -18.87 -3.83 -18.46
C HIS A 85 -17.65 -4.32 -17.69
N SER A 86 -17.89 -4.82 -16.46
CA SER A 86 -16.90 -5.38 -15.56
C SER A 86 -17.36 -6.78 -15.03
N PRO A 87 -17.57 -7.83 -15.88
CA PRO A 87 -17.97 -9.16 -15.36
C PRO A 87 -16.89 -9.72 -14.44
N GLU A 88 -17.31 -10.12 -13.23
CA GLU A 88 -16.42 -10.54 -12.18
C GLU A 88 -17.02 -11.68 -11.36
N LEU A 89 -16.21 -12.73 -11.17
CA LEU A 89 -16.57 -13.88 -10.35
C LEU A 89 -16.09 -13.56 -8.94
N GLN A 90 -16.91 -13.95 -7.96
CA GLN A 90 -16.63 -13.80 -6.55
C GLN A 90 -16.66 -15.14 -5.83
N ILE A 91 -15.63 -15.38 -5.01
CA ILE A 91 -15.59 -16.46 -4.03
C ILE A 91 -15.75 -15.69 -2.71
N SER A 92 -16.95 -15.78 -2.08
CA SER A 92 -17.27 -15.10 -0.81
C SER A 92 -16.25 -15.46 0.29
N ALA A 93 -15.92 -16.77 0.45
CA ALA A 93 -14.90 -17.25 1.42
C ALA A 93 -14.13 -18.39 0.79
N VAL A 94 -12.83 -18.14 0.51
CA VAL A 94 -11.93 -19.10 -0.12
C VAL A 94 -11.66 -20.30 0.80
N ALA A 95 -11.67 -21.51 0.23
CA ALA A 95 -11.43 -22.78 0.91
C ALA A 95 -10.54 -23.62 0.01
N LEU A 96 -9.94 -24.70 0.52
CA LEU A 96 -9.08 -25.56 -0.32
C LEU A 96 -9.77 -26.06 -1.62
N GLN A 97 -11.07 -26.32 -1.57
CA GLN A 97 -11.86 -26.78 -2.72
C GLN A 97 -11.86 -25.78 -3.90
N HIS A 98 -11.48 -24.50 -3.66
CA HIS A 98 -11.45 -23.44 -4.67
C HIS A 98 -10.24 -23.44 -5.57
N GLU A 99 -9.19 -24.15 -5.19
CA GLU A 99 -7.98 -24.24 -6.00
C GLU A 99 -8.28 -24.92 -7.34
N GLY A 100 -7.92 -24.25 -8.41
CA GLY A 100 -8.10 -24.74 -9.76
C GLY A 100 -8.01 -23.64 -10.81
N THR A 101 -8.59 -23.93 -11.99
CA THR A 101 -8.60 -23.06 -13.17
C THR A 101 -9.95 -22.43 -13.33
N TYR A 102 -9.96 -21.12 -13.53
CA TYR A 102 -11.18 -20.35 -13.69
C TYR A 102 -11.08 -19.70 -15.04
N THR A 103 -11.89 -20.18 -16.01
CA THR A 103 -11.88 -19.68 -17.38
C THR A 103 -13.11 -18.88 -17.69
N CYS A 104 -12.91 -17.64 -18.14
CA CYS A 104 -14.02 -16.80 -18.53
C CYS A 104 -14.08 -16.80 -20.05
N GLU A 105 -15.17 -17.37 -20.59
CA GLU A 105 -15.41 -17.50 -22.03
C GLU A 105 -16.38 -16.44 -22.39
N ILE A 106 -15.96 -15.56 -23.30
CA ILE A 106 -16.81 -14.45 -23.72
C ILE A 106 -17.22 -14.67 -25.16
N VAL A 107 -18.53 -14.60 -25.42
CA VAL A 107 -19.08 -14.67 -26.78
C VAL A 107 -19.53 -13.25 -27.15
N THR A 108 -18.98 -12.76 -28.25
CA THR A 108 -19.32 -11.44 -28.79
C THR A 108 -19.84 -11.67 -30.23
N PRO A 109 -20.45 -10.65 -30.89
CA PRO A 109 -20.88 -10.85 -32.30
C PRO A 109 -19.74 -11.19 -33.26
N GLU A 110 -18.47 -10.83 -32.93
CA GLU A 110 -17.29 -11.07 -33.78
C GLU A 110 -16.63 -12.41 -33.54
N GLY A 111 -16.81 -12.95 -32.36
CA GLY A 111 -16.19 -14.23 -32.03
C GLY A 111 -15.99 -14.44 -30.55
N ASN A 112 -15.00 -15.28 -30.25
CA ASN A 112 -14.76 -15.67 -28.86
C ASN A 112 -13.48 -15.12 -28.28
N LEU A 113 -13.61 -14.70 -27.03
CA LEU A 113 -12.53 -14.17 -26.19
C LEU A 113 -12.46 -15.00 -24.93
N GLU A 114 -11.28 -14.97 -24.26
CA GLU A 114 -11.11 -15.68 -22.98
C GLU A 114 -10.08 -15.08 -22.02
N LYS A 115 -10.35 -15.22 -20.74
CA LYS A 115 -9.49 -14.85 -19.66
C LYS A 115 -9.36 -16.11 -18.76
N VAL A 116 -8.11 -16.53 -18.48
CA VAL A 116 -7.83 -17.70 -17.66
C VAL A 116 -7.09 -17.29 -16.37
N TYR A 117 -7.58 -17.76 -15.23
CA TYR A 117 -6.97 -17.61 -13.91
C TYR A 117 -6.61 -18.99 -13.37
N ASP A 118 -5.42 -19.08 -12.79
CA ASP A 118 -4.93 -20.25 -12.10
C ASP A 118 -4.91 -19.83 -10.63
N LEU A 119 -5.92 -20.25 -9.88
CA LEU A 119 -6.10 -19.88 -8.47
C LEU A 119 -5.41 -20.90 -7.51
N GLN A 120 -4.48 -20.40 -6.69
CA GLN A 120 -3.74 -21.16 -5.67
C GLN A 120 -4.26 -20.72 -4.32
N VAL A 121 -4.56 -21.68 -3.44
CA VAL A 121 -5.05 -21.41 -2.09
C VAL A 121 -3.91 -21.55 -1.09
N LEU A 122 -3.72 -20.50 -0.29
CA LEU A 122 -2.68 -20.46 0.74
C LEU A 122 -3.33 -20.68 2.08
N VAL A 123 -2.77 -21.58 2.86
CA VAL A 123 -3.27 -21.91 4.19
C VAL A 123 -2.19 -21.51 5.22
N PRO A 124 -2.46 -20.50 6.08
CA PRO A 124 -1.46 -20.14 7.12
C PRO A 124 -1.29 -21.28 8.13
N PRO A 125 -0.05 -21.65 8.53
CA PRO A 125 0.07 -22.73 9.52
C PRO A 125 -0.40 -22.29 10.91
N GLU A 126 -0.87 -23.24 11.72
CA GLU A 126 -1.27 -22.98 13.12
C GLU A 126 -0.04 -23.35 13.93
N VAL A 127 0.56 -22.37 14.62
CA VAL A 127 1.81 -22.61 15.33
C VAL A 127 1.66 -22.88 16.81
N THR A 128 2.64 -23.56 17.35
CA THR A 128 2.79 -23.88 18.74
C THR A 128 4.26 -23.97 19.08
N TYR A 129 4.59 -23.59 20.30
CA TYR A 129 5.95 -23.55 20.81
C TYR A 129 5.93 -24.07 22.23
N PHE A 130 6.96 -24.84 22.63
CA PHE A 130 7.04 -25.31 23.99
C PHE A 130 8.37 -25.82 24.39
N PRO A 131 8.81 -25.63 25.66
CA PRO A 131 10.08 -26.26 26.08
C PRO A 131 9.83 -27.74 26.35
N GLY A 132 10.87 -28.52 26.22
CA GLY A 132 10.80 -29.95 26.48
C GLY A 132 11.75 -30.32 27.60
N LYS A 133 11.90 -31.63 27.87
CA LYS A 133 12.81 -32.06 28.94
C LYS A 133 14.25 -31.99 28.47
N ASN A 134 15.17 -31.70 29.40
CA ASN A 134 16.62 -31.66 29.18
C ASN A 134 17.07 -30.65 28.12
N ARG A 135 16.67 -29.40 28.34
CA ARG A 135 17.08 -28.26 27.52
C ARG A 135 16.77 -28.39 25.99
N THR A 136 15.58 -28.94 25.70
CA THR A 136 15.05 -29.08 24.36
C THR A 136 13.89 -28.10 24.16
N ALA A 137 13.57 -27.78 22.90
CA ALA A 137 12.45 -26.91 22.58
C ALA A 137 11.78 -27.47 21.35
N VAL A 138 10.47 -27.30 21.25
CA VAL A 138 9.66 -27.78 20.14
C VAL A 138 8.94 -26.61 19.50
N CYS A 139 8.93 -26.61 18.16
CA CYS A 139 8.25 -25.64 17.33
C CYS A 139 7.48 -26.41 16.28
N GLU A 140 6.19 -26.16 16.17
CA GLU A 140 5.34 -26.85 15.22
C GLU A 140 4.54 -25.85 14.42
N ALA A 141 4.39 -26.14 13.10
CA ALA A 141 3.63 -25.35 12.16
C ALA A 141 2.66 -26.35 11.51
N MET A 142 1.44 -26.42 12.04
CA MET A 142 0.39 -27.33 11.67
C MET A 142 -0.39 -26.98 10.43
N ALA A 143 -0.48 -27.96 9.49
CA ALA A 143 -1.28 -27.91 8.27
C ALA A 143 -1.23 -26.57 7.48
N GLY A 144 -0.04 -26.22 7.03
CA GLY A 144 0.18 -25.03 6.22
C GLY A 144 0.30 -25.37 4.74
N LYS A 145 -0.06 -24.42 3.88
CA LYS A 145 0.05 -24.58 2.42
C LYS A 145 0.57 -23.28 1.81
N PRO A 146 1.80 -23.27 1.27
CA PRO A 146 2.79 -24.38 1.21
C PRO A 146 3.35 -24.71 2.60
N ALA A 147 4.28 -25.68 2.68
CA ALA A 147 4.91 -26.02 3.95
C ALA A 147 5.63 -24.78 4.51
N ALA A 148 5.48 -24.52 5.82
CA ALA A 148 6.20 -23.45 6.49
C ALA A 148 7.63 -23.91 6.64
N GLN A 149 8.55 -22.95 6.85
CA GLN A 149 9.94 -23.29 7.12
C GLN A 149 10.24 -22.86 8.54
N ILE A 150 10.86 -23.77 9.30
CA ILE A 150 11.22 -23.56 10.69
C ILE A 150 12.70 -23.32 10.82
N SER A 151 13.08 -22.22 11.46
CA SER A 151 14.48 -21.92 11.74
C SER A 151 14.61 -21.47 13.18
N TRP A 152 15.73 -21.87 13.79
CA TRP A 152 16.03 -21.58 15.18
C TRP A 152 17.17 -20.59 15.38
N THR A 153 17.10 -19.80 16.47
CA THR A 153 18.17 -18.89 16.91
C THR A 153 18.41 -19.12 18.41
N PRO A 154 19.64 -19.47 18.85
CA PRO A 154 20.85 -19.74 18.05
C PRO A 154 20.78 -21.13 17.38
N ASP A 155 21.83 -21.55 16.66
CA ASP A 155 21.87 -22.84 15.97
C ASP A 155 21.88 -23.96 16.98
N GLY A 156 21.02 -24.94 16.75
CA GLY A 156 20.95 -26.13 17.60
C GLY A 156 21.10 -27.39 16.79
N ASP A 157 21.05 -28.51 17.47
CA ASP A 157 21.07 -29.83 16.86
C ASP A 157 19.60 -30.23 16.84
N CYS A 158 18.98 -30.12 15.65
CA CYS A 158 17.55 -30.27 15.41
C CYS A 158 17.18 -31.46 14.60
N VAL A 159 15.94 -31.92 14.79
CA VAL A 159 15.29 -32.95 14.00
C VAL A 159 13.97 -32.34 13.55
N THR A 160 13.81 -32.12 12.24
CA THR A 160 12.59 -31.53 11.67
C THR A 160 11.84 -32.55 10.87
N LYS A 161 10.61 -32.82 11.25
CA LYS A 161 9.78 -33.83 10.58
C LYS A 161 8.60 -33.18 9.88
N SER A 162 8.43 -33.48 8.59
CA SER A 162 7.33 -32.92 7.82
C SER A 162 6.37 -34.04 7.41
N GLU A 163 5.08 -33.77 7.49
CA GLU A 163 4.05 -34.74 7.16
C GLU A 163 3.11 -34.11 6.14
N SER A 164 3.09 -34.67 4.92
CA SER A 164 2.22 -34.19 3.85
C SER A 164 0.85 -34.78 4.08
N HIS A 165 -0.20 -33.96 3.96
CA HIS A 165 -1.59 -34.37 4.13
C HIS A 165 -2.26 -34.43 2.77
N SER A 166 -3.28 -35.30 2.63
CA SER A 166 -4.03 -35.48 1.38
C SER A 166 -4.71 -34.22 0.82
N ASN A 167 -5.06 -33.26 1.69
CA ASN A 167 -5.65 -31.96 1.29
C ASN A 167 -4.63 -30.96 0.69
N GLY A 168 -3.34 -31.31 0.70
CA GLY A 168 -2.29 -30.45 0.14
C GLY A 168 -1.54 -29.58 1.13
N THR A 169 -1.89 -29.69 2.42
CA THR A 169 -1.21 -28.99 3.50
C THR A 169 -0.06 -29.85 4.03
N VAL A 170 0.85 -29.24 4.80
CA VAL A 170 2.02 -29.92 5.37
C VAL A 170 2.17 -29.47 6.81
N THR A 171 2.32 -30.44 7.72
CA THR A 171 2.61 -30.19 9.12
C THR A 171 4.11 -30.36 9.29
N VAL A 172 4.79 -29.33 9.83
CA VAL A 172 6.23 -29.37 10.10
C VAL A 172 6.40 -29.27 11.64
N ARG A 173 7.16 -30.21 12.24
CA ARG A 173 7.45 -30.30 13.68
C ARG A 173 8.96 -30.35 13.88
N SER A 174 9.51 -29.36 14.60
CA SER A 174 10.95 -29.30 14.87
C SER A 174 11.26 -29.40 16.38
N THR A 175 12.23 -30.25 16.75
CA THR A 175 12.73 -30.45 18.12
C THR A 175 14.25 -30.21 18.13
N CYS A 176 14.74 -29.21 18.92
CA CYS A 176 16.18 -28.94 19.07
C CYS A 176 16.68 -29.12 20.45
N HIS A 177 18.00 -29.16 20.52
CA HIS A 177 18.78 -29.27 21.71
C HIS A 177 19.97 -28.38 21.49
N TRP A 178 20.38 -27.67 22.52
CA TRP A 178 21.54 -26.78 22.43
C TRP A 178 22.64 -27.27 23.36
N GLU A 179 23.86 -27.43 22.84
CA GLU A 179 25.00 -27.87 23.64
C GLU A 179 25.33 -26.79 24.70
N GLN A 180 25.79 -25.60 24.21
CA GLN A 180 26.18 -24.40 24.98
C GLN A 180 25.26 -24.17 26.19
N ASN A 181 25.81 -24.23 27.43
CA ASN A 181 24.99 -24.00 28.62
C ASN A 181 24.73 -22.51 28.87
N ASN A 182 25.34 -21.63 28.05
CA ASN A 182 25.14 -20.17 28.04
C ASN A 182 23.80 -19.81 27.33
N VAL A 183 23.13 -20.83 26.73
CA VAL A 183 21.85 -20.68 26.05
C VAL A 183 20.72 -20.99 27.04
N SER A 184 19.90 -19.97 27.31
CA SER A 184 18.77 -20.12 28.23
C SER A 184 17.43 -19.84 27.54
N VAL A 185 17.45 -18.95 26.52
CA VAL A 185 16.29 -18.55 25.73
C VAL A 185 16.62 -18.78 24.26
N VAL A 186 15.69 -19.46 23.57
CA VAL A 186 15.81 -19.78 22.15
C VAL A 186 14.65 -19.17 21.39
N SER A 187 14.87 -18.91 20.11
CA SER A 187 13.84 -18.30 19.29
C SER A 187 13.50 -19.15 18.06
N CYS A 188 12.20 -19.35 17.80
CA CYS A 188 11.75 -20.11 16.64
C CYS A 188 11.05 -19.19 15.69
N LEU A 189 11.49 -19.23 14.41
CA LEU A 189 10.83 -18.48 13.34
C LEU A 189 10.12 -19.48 12.41
N VAL A 190 8.81 -19.30 12.26
CA VAL A 190 8.00 -20.08 11.34
C VAL A 190 7.74 -19.15 10.15
N SER A 191 8.52 -19.34 9.04
CA SER A 191 8.35 -18.51 7.83
C SER A 191 7.25 -19.08 6.92
N HIS A 192 6.41 -18.21 6.43
CA HIS A 192 5.35 -18.58 5.53
C HIS A 192 4.97 -17.39 4.66
N SER A 193 4.62 -17.63 3.39
CA SER A 193 4.19 -16.55 2.49
C SER A 193 2.96 -15.78 2.99
N THR A 194 2.15 -16.37 3.91
CA THR A 194 0.98 -15.67 4.47
C THR A 194 1.34 -14.80 5.68
N GLY A 195 2.60 -14.84 6.10
CA GLY A 195 3.08 -14.12 7.25
C GLY A 195 3.94 -14.97 8.17
N ASN A 196 5.07 -14.38 8.60
CA ASN A 196 6.01 -15.01 9.51
C ASN A 196 5.49 -14.93 10.95
N GLN A 197 5.83 -15.94 11.76
CA GLN A 197 5.41 -16.03 13.17
C GLN A 197 6.61 -16.50 13.94
N SER A 198 6.95 -15.76 15.00
CA SER A 198 8.09 -16.14 15.83
C SER A 198 7.79 -15.92 17.30
N LEU A 199 8.40 -16.75 18.13
CA LEU A 199 8.25 -16.65 19.57
C LEU A 199 9.49 -17.20 20.22
N SER A 200 9.85 -16.66 21.41
CA SER A 200 10.99 -17.16 22.19
C SER A 200 10.52 -18.18 23.23
N ILE A 201 11.37 -19.18 23.50
CA ILE A 201 11.11 -20.27 24.44
C ILE A 201 12.24 -20.30 25.48
N GLU A 202 11.83 -20.32 26.76
CA GLU A 202 12.74 -20.41 27.86
C GLU A 202 13.06 -21.89 28.09
N LEU A 203 14.34 -22.25 27.98
CA LEU A 203 14.77 -23.63 28.20
C LEU A 203 14.68 -24.00 29.70
N SER A 204 14.39 -25.29 30.00
CA SER A 204 14.30 -25.86 31.35
C SER A 204 15.63 -25.75 32.11
N GLN B 17 16.11 -10.07 24.51
CA GLN B 17 17.19 -9.95 23.50
C GLN B 17 16.72 -10.05 22.02
N VAL B 18 16.29 -11.26 21.51
CA VAL B 18 15.73 -11.35 20.13
C VAL B 18 14.42 -10.55 20.16
N ASN B 19 14.29 -9.57 19.24
CA ASN B 19 13.15 -8.68 19.25
C ASN B 19 12.73 -8.18 17.88
N THR B 20 11.53 -7.60 17.83
CA THR B 20 10.97 -6.92 16.67
C THR B 20 11.16 -5.41 16.91
N THR B 21 11.91 -4.72 16.03
CA THR B 21 12.04 -3.27 16.10
C THR B 21 10.84 -2.70 15.38
N MET B 22 10.19 -1.73 15.99
CA MET B 22 9.00 -1.13 15.45
C MET B 22 9.16 0.40 15.56
N SER B 23 8.95 1.15 14.44
CA SER B 23 8.98 2.63 14.40
C SER B 23 7.58 3.11 14.19
N VAL B 24 7.09 3.98 15.08
CA VAL B 24 5.74 4.51 14.99
C VAL B 24 5.80 6.02 15.13
N GLN B 25 4.99 6.71 14.32
CA GLN B 25 4.91 8.15 14.30
C GLN B 25 3.97 8.64 15.38
N MET B 26 4.29 9.81 15.94
CA MET B 26 3.49 10.52 16.91
C MET B 26 2.02 10.55 16.47
N ASP B 27 1.08 10.37 17.41
CA ASP B 27 -0.37 10.43 17.21
C ASP B 27 -1.04 9.27 16.49
N LYS B 28 -0.25 8.36 15.93
CA LYS B 28 -0.77 7.19 15.22
C LYS B 28 -1.06 6.08 16.23
N LYS B 29 -1.85 5.07 15.83
CA LYS B 29 -2.20 3.92 16.66
C LYS B 29 -1.16 2.84 16.49
N ALA B 30 -0.86 2.08 17.56
CA ALA B 30 0.10 0.97 17.45
C ALA B 30 -0.51 -0.28 17.99
N LEU B 31 -0.26 -1.41 17.33
CA LEU B 31 -0.77 -2.71 17.74
C LEU B 31 0.39 -3.66 17.83
N LEU B 32 0.60 -4.26 19.01
CA LEU B 32 1.72 -5.16 19.25
C LEU B 32 1.12 -6.52 19.49
N CYS B 33 1.35 -7.42 18.56
CA CYS B 33 0.80 -8.77 18.61
C CYS B 33 1.67 -9.66 19.44
N CYS B 34 1.07 -10.33 20.40
CA CYS B 34 1.87 -11.22 21.21
C CYS B 34 2.13 -12.57 20.46
N PHE B 35 1.06 -13.19 19.91
CA PHE B 35 1.03 -14.38 19.07
C PHE B 35 -0.36 -14.46 18.51
N SER B 36 -0.56 -15.21 17.43
CA SER B 36 -1.90 -15.42 16.89
C SER B 36 -2.02 -16.88 16.52
N SER B 37 -2.55 -17.70 17.43
CA SER B 37 -2.67 -19.15 17.22
C SER B 37 -3.71 -19.75 18.15
N PRO B 38 -4.62 -20.60 17.62
CA PRO B 38 -5.58 -21.29 18.51
C PRO B 38 -4.93 -22.44 19.31
N LEU B 39 -3.67 -22.78 18.98
CA LEU B 39 -2.96 -23.89 19.57
C LEU B 39 -2.14 -23.58 20.82
N ILE B 40 -1.84 -22.30 21.07
CA ILE B 40 -1.03 -21.92 22.24
C ILE B 40 -1.95 -21.89 23.46
N ASN B 41 -1.73 -22.81 24.43
CA ASN B 41 -2.58 -22.87 25.62
C ASN B 41 -2.05 -21.92 26.71
N ALA B 42 -2.36 -20.63 26.56
CA ALA B 42 -1.88 -19.62 27.51
C ALA B 42 -2.76 -19.59 28.74
N VAL B 43 -2.14 -19.70 29.91
CA VAL B 43 -2.91 -19.61 31.16
C VAL B 43 -2.87 -18.16 31.68
N LEU B 44 -1.69 -17.51 31.57
CA LEU B 44 -1.45 -16.14 31.93
C LEU B 44 -0.65 -15.40 30.83
N ILE B 45 -1.11 -14.19 30.46
CA ILE B 45 -0.42 -13.32 29.49
C ILE B 45 -0.15 -11.98 30.15
N THR B 46 1.12 -11.59 30.19
CA THR B 46 1.53 -10.33 30.83
C THR B 46 2.38 -9.49 29.90
N TRP B 47 2.05 -8.19 29.77
CA TRP B 47 2.92 -7.26 29.04
C TRP B 47 3.70 -6.45 30.07
N ILE B 48 5.02 -6.39 29.97
CA ILE B 48 5.89 -5.58 30.81
C ILE B 48 6.43 -4.46 29.90
N ILE B 49 6.14 -3.20 30.25
CA ILE B 49 6.51 -2.01 29.48
C ILE B 49 7.58 -1.22 30.24
N LYS B 50 8.78 -1.11 29.63
CA LYS B 50 9.92 -0.43 30.20
C LYS B 50 10.36 0.77 29.35
N HIS B 51 10.47 1.95 30.00
CA HIS B 51 10.92 3.24 29.46
C HIS B 51 12.29 3.52 30.06
N ARG B 52 13.06 4.43 29.41
CA ARG B 52 14.39 4.86 29.86
C ARG B 52 14.27 5.62 31.21
N HIS B 53 13.22 6.41 31.38
CA HIS B 53 13.00 7.22 32.56
C HIS B 53 11.76 6.87 33.34
N LEU B 54 10.62 6.75 32.66
CA LEU B 54 9.33 6.46 33.29
C LEU B 54 9.33 5.16 34.06
N PRO B 55 8.54 5.07 35.17
CA PRO B 55 8.50 3.79 35.89
C PRO B 55 7.88 2.72 34.98
N SER B 56 8.30 1.48 35.12
CA SER B 56 7.73 0.41 34.31
C SER B 56 6.28 0.10 34.70
N CYS B 57 5.50 -0.45 33.76
CA CYS B 57 4.12 -0.80 34.03
C CYS B 57 3.75 -2.12 33.36
N THR B 58 2.61 -2.70 33.77
CA THR B 58 2.20 -4.02 33.35
C THR B 58 0.70 -4.08 33.07
N ILE B 59 0.33 -4.84 32.04
CA ILE B 59 -1.04 -5.22 31.75
C ILE B 59 -1.01 -6.76 31.73
N ALA B 60 -1.87 -7.42 32.51
CA ALA B 60 -1.89 -8.88 32.62
C ALA B 60 -3.30 -9.41 32.48
N TYR B 61 -3.42 -10.63 31.93
CA TYR B 61 -4.69 -11.29 31.76
C TYR B 61 -4.58 -12.74 32.14
N ASN B 62 -5.42 -13.19 33.09
CA ASN B 62 -5.48 -14.59 33.54
C ASN B 62 -6.58 -15.21 32.70
N LEU B 63 -6.21 -16.03 31.71
CA LEU B 63 -7.18 -16.66 30.79
C LEU B 63 -7.97 -17.78 31.47
N ASP B 64 -7.37 -18.41 32.49
CA ASP B 64 -7.97 -19.47 33.30
C ASP B 64 -9.13 -18.85 34.13
N LYS B 65 -8.82 -17.84 35.00
CA LYS B 65 -9.78 -17.16 35.90
C LYS B 65 -10.55 -16.01 35.28
N LYS B 66 -10.31 -15.72 33.99
CA LYS B 66 -10.95 -14.62 33.23
C LYS B 66 -10.85 -13.22 33.91
N THR B 67 -9.72 -12.99 34.62
CA THR B 67 -9.45 -11.73 35.32
C THR B 67 -8.28 -10.97 34.68
N ASN B 68 -8.26 -9.64 34.89
CA ASN B 68 -7.19 -8.81 34.36
C ASN B 68 -6.77 -7.71 35.34
N GLU B 69 -5.53 -7.27 35.20
CA GLU B 69 -4.91 -6.24 36.00
C GLU B 69 -4.20 -5.26 35.08
N THR B 70 -4.04 -4.03 35.52
CA THR B 70 -3.30 -3.00 34.81
C THR B 70 -2.70 -1.99 35.77
N SER B 71 -1.42 -1.66 35.56
CA SER B 71 -0.73 -0.61 36.27
C SER B 71 -0.31 0.47 35.24
N CYS B 72 -0.96 0.49 34.04
CA CYS B 72 -0.61 1.43 32.94
C CYS B 72 -1.68 2.49 32.75
N LEU B 73 -2.46 2.81 33.78
CA LEU B 73 -3.53 3.80 33.60
C LEU B 73 -2.97 5.18 33.28
N GLY B 74 -3.63 5.88 32.37
CA GLY B 74 -3.25 7.22 31.91
C GLY B 74 -2.12 7.26 30.90
N ARG B 75 -1.76 6.10 30.35
CA ARG B 75 -0.67 6.05 29.38
C ARG B 75 -1.22 5.68 28.03
N ASN B 76 -2.55 5.49 27.91
CA ASN B 76 -3.20 5.06 26.67
C ASN B 76 -2.79 3.64 26.16
N ILE B 77 -2.34 2.77 27.09
CA ILE B 77 -1.95 1.38 26.84
C ILE B 77 -3.06 0.46 27.36
N THR B 78 -3.70 -0.32 26.44
CA THR B 78 -4.78 -1.25 26.76
C THR B 78 -4.65 -2.53 25.92
N TRP B 79 -5.50 -3.55 26.20
CA TRP B 79 -5.65 -4.77 25.40
C TRP B 79 -6.46 -4.29 24.17
N ALA B 80 -6.03 -4.67 22.95
CA ALA B 80 -6.75 -4.31 21.72
C ALA B 80 -8.22 -4.79 21.79
N SER B 81 -8.42 -5.99 22.36
CA SER B 81 -9.70 -6.65 22.65
C SER B 81 -9.39 -7.69 23.75
N THR B 82 -10.43 -8.33 24.32
CA THR B 82 -10.23 -9.38 25.33
C THR B 82 -9.32 -10.48 24.76
N PRO B 83 -8.18 -10.75 25.44
CA PRO B 83 -7.26 -11.77 24.91
C PRO B 83 -7.71 -13.24 25.02
N ASP B 84 -7.54 -13.97 23.91
CA ASP B 84 -7.83 -15.39 23.78
C ASP B 84 -6.73 -16.11 22.94
N HIS B 85 -6.90 -16.15 21.60
CA HIS B 85 -5.95 -16.78 20.67
C HIS B 85 -5.04 -15.78 19.95
N SER B 86 -5.39 -14.47 20.03
CA SER B 86 -4.65 -13.36 19.43
C SER B 86 -4.42 -12.21 20.44
N PRO B 87 -3.69 -12.45 21.57
CA PRO B 87 -3.43 -11.35 22.53
C PRO B 87 -2.63 -10.21 21.88
N GLU B 88 -3.14 -8.99 22.02
CA GLU B 88 -2.59 -7.81 21.38
C GLU B 88 -2.69 -6.57 22.26
N LEU B 89 -1.57 -5.86 22.38
CA LEU B 89 -1.51 -4.60 23.12
C LEU B 89 -1.80 -3.50 22.10
N GLN B 90 -2.56 -2.51 22.54
CA GLN B 90 -2.90 -1.34 21.76
C GLN B 90 -2.42 -0.04 22.45
N ILE B 91 -1.77 0.87 21.68
CA ILE B 91 -1.43 2.22 22.10
C ILE B 91 -2.35 3.03 21.17
N SER B 92 -3.42 3.61 21.73
CA SER B 92 -4.43 4.36 20.99
C SER B 92 -3.85 5.53 20.19
N ALA B 93 -2.93 6.30 20.80
CA ALA B 93 -2.26 7.42 20.12
C ALA B 93 -0.87 7.50 20.70
N VAL B 94 0.12 7.18 19.87
CA VAL B 94 1.53 7.18 20.24
C VAL B 94 2.02 8.60 20.64
N ALA B 95 2.89 8.66 21.69
CA ALA B 95 3.50 9.87 22.21
C ALA B 95 4.93 9.52 22.59
N LEU B 96 5.79 10.50 22.85
CA LEU B 96 7.19 10.21 23.24
C LEU B 96 7.33 9.25 24.42
N GLN B 97 6.41 9.33 25.41
CA GLN B 97 6.40 8.46 26.60
C GLN B 97 6.29 6.97 26.27
N HIS B 98 5.82 6.61 25.04
CA HIS B 98 5.63 5.22 24.59
C HIS B 98 6.88 4.52 24.12
N GLU B 99 7.98 5.26 23.87
CA GLU B 99 9.24 4.68 23.44
C GLU B 99 9.80 3.81 24.56
N GLY B 100 10.11 2.57 24.21
CA GLY B 100 10.67 1.60 25.13
C GLY B 100 10.49 0.17 24.67
N THR B 101 10.60 -0.76 25.62
CA THR B 101 10.53 -2.20 25.43
C THR B 101 9.20 -2.71 25.89
N TYR B 102 8.55 -3.53 25.05
CA TYR B 102 7.26 -4.11 25.35
C TYR B 102 7.47 -5.62 25.29
N THR B 103 7.44 -6.29 26.45
CA THR B 103 7.66 -7.73 26.56
C THR B 103 6.39 -8.46 26.89
N CYS B 104 6.02 -9.43 26.07
CA CYS B 104 4.85 -10.25 26.31
C CYS B 104 5.34 -11.58 26.86
N GLU B 105 5.01 -11.85 28.12
CA GLU B 105 5.38 -13.06 28.84
C GLU B 105 4.18 -13.94 28.84
N ILE B 106 4.33 -15.13 28.29
CA ILE B 106 3.25 -16.10 28.21
C ILE B 106 3.57 -17.28 29.12
N VAL B 107 2.62 -17.63 29.98
CA VAL B 107 2.72 -18.79 30.87
C VAL B 107 1.74 -19.83 30.32
N THR B 108 2.27 -21.00 30.01
CA THR B 108 1.49 -22.13 29.51
C THR B 108 1.74 -23.31 30.48
N PRO B 109 0.96 -24.42 30.41
CA PRO B 109 1.27 -25.58 31.27
C PRO B 109 2.66 -26.19 31.07
N GLU B 110 3.29 -25.99 29.90
CA GLU B 110 4.62 -26.53 29.58
C GLU B 110 5.77 -25.63 30.01
N GLY B 111 5.51 -24.34 30.08
CA GLY B 111 6.56 -23.41 30.45
C GLY B 111 6.32 -21.98 30.02
N ASN B 112 7.42 -21.24 29.88
CA ASN B 112 7.34 -19.84 29.51
C ASN B 112 7.80 -19.52 28.11
N LEU B 113 7.00 -18.67 27.46
CA LEU B 113 7.24 -18.14 26.13
C LEU B 113 7.30 -16.62 26.22
N GLU B 114 7.97 -15.96 25.25
CA GLU B 114 8.04 -14.50 25.19
C GLU B 114 8.17 -13.91 23.81
N LYS B 115 7.56 -12.73 23.65
CA LYS B 115 7.64 -11.88 22.48
C LYS B 115 8.15 -10.49 22.95
N VAL B 116 9.23 -9.99 22.35
CA VAL B 116 9.80 -8.69 22.70
C VAL B 116 9.70 -7.70 21.52
N TYR B 117 9.17 -6.49 21.78
CA TYR B 117 9.12 -5.36 20.84
C TYR B 117 9.94 -4.21 21.38
N ASP B 118 10.70 -3.57 20.51
CA ASP B 118 11.49 -2.39 20.80
C ASP B 118 10.80 -1.28 20.00
N LEU B 119 10.01 -0.46 20.66
CA LEU B 119 9.24 0.60 20.04
C LEU B 119 9.99 1.94 20.01
N GLN B 120 10.18 2.51 18.80
CA GLN B 120 10.83 3.80 18.56
C GLN B 120 9.78 4.77 18.10
N VAL B 121 9.78 5.98 18.65
CA VAL B 121 8.81 7.01 18.29
C VAL B 121 9.47 8.03 17.35
N LEU B 122 8.79 8.30 16.24
CA LEU B 122 9.22 9.27 15.23
C LEU B 122 8.40 10.52 15.36
N VAL B 123 9.07 11.67 15.44
CA VAL B 123 8.43 12.98 15.57
C VAL B 123 8.71 13.82 14.31
N PRO B 124 7.67 14.15 13.53
CA PRO B 124 7.89 15.02 12.35
C PRO B 124 8.34 16.44 12.75
N PRO B 125 9.37 17.05 12.10
CA PRO B 125 9.75 18.42 12.49
C PRO B 125 8.71 19.46 12.07
N GLU B 126 8.62 20.59 12.81
CA GLU B 126 7.75 21.71 12.46
C GLU B 126 8.65 22.68 11.72
N VAL B 127 8.33 22.97 10.46
CA VAL B 127 9.20 23.79 9.64
C VAL B 127 8.80 25.25 9.52
N THR B 128 9.77 26.07 9.21
CA THR B 128 9.61 27.47 8.93
C THR B 128 10.66 27.92 7.95
N TYR B 129 10.31 28.88 7.12
CA TYR B 129 11.16 29.43 6.07
C TYR B 129 10.98 30.92 6.03
N PHE B 130 12.05 31.67 5.82
CA PHE B 130 11.92 33.11 5.69
C PHE B 130 13.09 33.78 5.08
N PRO B 131 12.89 34.84 4.25
CA PRO B 131 14.07 35.60 3.78
C PRO B 131 14.56 36.49 4.92
N GLY B 132 15.84 36.80 4.89
CA GLY B 132 16.45 37.69 5.87
C GLY B 132 17.00 38.91 5.18
N LYS B 133 17.73 39.74 5.92
CA LYS B 133 18.32 40.94 5.33
C LYS B 133 19.56 40.60 4.54
N ASN B 134 19.80 41.34 3.47
CA ASN B 134 20.99 41.23 2.62
C ASN B 134 21.19 39.87 1.98
N ARG B 135 20.19 39.44 1.20
CA ARG B 135 20.23 38.22 0.42
C ARG B 135 20.52 36.93 1.23
N THR B 136 19.90 36.82 2.42
CA THR B 136 19.99 35.67 3.27
C THR B 136 18.63 34.98 3.35
N ALA B 137 18.63 33.71 3.70
CA ALA B 137 17.40 32.95 3.86
C ALA B 137 17.62 32.03 5.06
N VAL B 138 16.52 31.77 5.80
CA VAL B 138 16.52 30.91 6.96
C VAL B 138 15.54 29.77 6.77
N CYS B 139 15.96 28.57 7.17
CA CYS B 139 15.17 27.35 7.14
C CYS B 139 15.35 26.66 8.48
N GLU B 140 14.27 26.34 9.17
CA GLU B 140 14.32 25.70 10.48
C GLU B 140 13.41 24.50 10.50
N ALA B 141 13.85 23.45 11.19
CA ALA B 141 13.13 22.20 11.38
C ALA B 141 13.14 21.96 12.88
N MET B 142 12.07 22.36 13.54
CA MET B 142 11.88 22.34 14.98
C MET B 142 11.44 21.02 15.56
N ALA B 143 12.24 20.53 16.54
CA ALA B 143 11.97 19.38 17.40
C ALA B 143 11.53 18.12 16.66
N GLY B 144 12.41 17.62 15.82
CA GLY B 144 12.16 16.40 15.08
C GLY B 144 12.87 15.22 15.68
N LYS B 145 12.34 14.01 15.46
CA LYS B 145 13.00 12.80 15.94
C LYS B 145 12.91 11.72 14.87
N PRO B 146 14.02 11.33 14.24
CA PRO B 146 15.39 11.84 14.42
C PRO B 146 15.57 13.27 13.89
N ALA B 147 16.75 13.84 14.00
CA ALA B 147 17.00 15.18 13.48
C ALA B 147 16.73 15.18 11.97
N ALA B 148 16.08 16.23 11.49
CA ALA B 148 15.84 16.42 10.07
C ALA B 148 17.15 16.85 9.43
N GLN B 149 17.26 16.75 8.11
CA GLN B 149 18.43 17.26 7.41
C GLN B 149 17.96 18.38 6.49
N ILE B 150 18.71 19.48 6.53
CA ILE B 150 18.44 20.65 5.72
C ILE B 150 19.40 20.79 4.57
N SER B 151 18.87 20.91 3.35
CA SER B 151 19.71 21.13 2.17
C SER B 151 19.13 22.27 1.34
N TRP B 152 20.03 23.08 0.76
CA TRP B 152 19.67 24.24 -0.05
C TRP B 152 20.00 24.09 -1.54
N THR B 153 19.15 24.70 -2.38
CA THR B 153 19.34 24.81 -3.84
C THR B 153 19.17 26.28 -4.24
N PRO B 154 20.16 26.93 -4.92
CA PRO B 154 21.50 26.43 -5.27
C PRO B 154 22.42 26.46 -4.02
N ASP B 155 23.69 26.09 -4.20
CA ASP B 155 24.68 26.08 -3.12
C ASP B 155 24.96 27.49 -2.64
N GLY B 156 24.91 27.65 -1.33
CA GLY B 156 25.22 28.93 -0.71
C GLY B 156 26.25 28.77 0.37
N ASP B 157 26.55 29.87 1.04
CA ASP B 157 27.45 29.85 2.18
C ASP B 157 26.54 29.80 3.42
N CYS B 158 26.38 28.60 4.01
CA CYS B 158 25.49 28.45 5.16
C CYS B 158 26.15 28.14 6.49
N VAL B 159 25.34 28.29 7.54
CA VAL B 159 25.66 27.96 8.91
C VAL B 159 24.46 27.19 9.43
N THR B 160 24.65 25.90 9.72
CA THR B 160 23.57 25.05 10.23
C THR B 160 23.82 24.64 11.66
N LYS B 161 22.91 24.99 12.54
CA LYS B 161 23.05 24.71 13.96
C LYS B 161 22.01 23.72 14.43
N SER B 162 22.44 22.68 15.16
CA SER B 162 21.52 21.70 15.70
C SER B 162 21.52 21.74 17.23
N GLU B 163 20.35 21.64 17.85
CA GLU B 163 20.20 21.68 19.29
C GLU B 163 19.44 20.43 19.75
N SER B 164 20.10 19.58 20.54
CA SER B 164 19.49 18.37 21.09
C SER B 164 18.67 18.74 22.30
N HIS B 165 17.43 18.22 22.39
CA HIS B 165 16.52 18.45 23.52
C HIS B 165 16.45 17.21 24.38
N SER B 166 16.14 17.40 25.69
CA SER B 166 16.08 16.30 26.66
C SER B 166 15.02 15.21 26.33
N ASN B 167 13.95 15.58 25.59
CA ASN B 167 12.91 14.63 25.14
C ASN B 167 13.35 13.70 23.99
N GLY B 168 14.54 13.94 23.42
CA GLY B 168 15.06 13.10 22.35
C GLY B 168 14.90 13.69 20.95
N THR B 169 14.27 14.89 20.85
CA THR B 169 14.10 15.58 19.59
C THR B 169 15.30 16.49 19.34
N VAL B 170 15.44 16.98 18.08
CA VAL B 170 16.52 17.87 17.67
C VAL B 170 15.94 18.99 16.84
N THR B 171 16.31 20.23 17.16
CA THR B 171 15.96 21.40 16.37
C THR B 171 17.17 21.73 15.49
N VAL B 172 16.97 21.82 14.17
CA VAL B 172 18.00 22.18 13.20
C VAL B 172 17.60 23.55 12.58
N ARG B 173 18.53 24.53 12.57
CA ARG B 173 18.34 25.89 12.05
C ARG B 173 19.42 26.21 11.07
N SER B 174 19.06 26.56 9.84
CA SER B 174 20.04 26.90 8.80
C SER B 174 19.84 28.33 8.26
N THR B 175 20.94 29.10 8.17
CA THR B 175 20.99 30.47 7.65
C THR B 175 21.98 30.49 6.54
N CYS B 176 21.56 30.99 5.43
CA CYS B 176 22.38 30.89 4.26
C CYS B 176 22.44 32.21 3.46
N HIS B 177 23.56 32.44 2.73
CA HIS B 177 23.82 33.65 1.95
C HIS B 177 24.32 33.25 0.57
N TRP B 178 23.82 33.93 -0.46
CA TRP B 178 24.25 33.67 -1.83
C TRP B 178 24.94 34.91 -2.35
N GLU B 179 26.17 34.72 -2.90
CA GLU B 179 27.03 35.77 -3.41
C GLU B 179 26.66 36.17 -4.81
N GLN B 180 26.35 35.16 -5.65
CA GLN B 180 25.90 35.27 -7.06
C GLN B 180 24.68 36.20 -7.08
N ASN B 181 24.69 37.28 -7.92
CA ASN B 181 23.53 38.19 -7.95
C ASN B 181 22.40 37.73 -8.91
N ASN B 182 22.71 36.71 -9.73
CA ASN B 182 21.82 36.00 -10.68
C ASN B 182 20.83 35.07 -9.92
N VAL B 183 21.09 34.85 -8.61
CA VAL B 183 20.26 34.03 -7.74
C VAL B 183 19.21 34.95 -7.12
N SER B 184 17.91 34.65 -7.37
CA SER B 184 16.82 35.46 -6.80
C SER B 184 15.88 34.64 -5.92
N VAL B 185 15.74 33.35 -6.27
CA VAL B 185 14.87 32.40 -5.55
C VAL B 185 15.73 31.22 -5.11
N VAL B 186 15.59 30.84 -3.85
CA VAL B 186 16.30 29.71 -3.25
C VAL B 186 15.29 28.68 -2.76
N SER B 187 15.73 27.44 -2.67
CA SER B 187 14.85 26.37 -2.25
C SER B 187 15.46 25.61 -1.04
N CYS B 188 14.65 25.39 0.00
CA CYS B 188 15.06 24.62 1.17
C CYS B 188 14.32 23.31 1.25
N LEU B 189 15.07 22.22 1.37
CA LEU B 189 14.51 20.88 1.58
C LEU B 189 14.80 20.43 2.99
N VAL B 190 13.74 20.13 3.75
CA VAL B 190 13.82 19.56 5.08
C VAL B 190 13.50 18.05 4.92
N SER B 191 14.53 17.20 4.90
CA SER B 191 14.35 15.73 4.78
C SER B 191 14.10 15.07 6.13
N HIS B 192 13.14 14.18 6.16
CA HIS B 192 12.82 13.44 7.36
C HIS B 192 12.13 12.15 6.99
N SER B 193 12.41 11.07 7.74
CA SER B 193 11.77 9.76 7.51
C SER B 193 10.24 9.80 7.53
N THR B 194 9.64 10.80 8.23
CA THR B 194 8.18 10.94 8.33
C THR B 194 7.57 11.72 7.14
N GLY B 195 8.43 12.20 6.26
CA GLY B 195 8.02 12.99 5.12
C GLY B 195 8.86 14.23 4.93
N ASN B 196 9.26 14.46 3.67
CA ASN B 196 10.06 15.60 3.25
C ASN B 196 9.16 16.84 3.12
N GLN B 197 9.73 18.03 3.37
CA GLN B 197 9.00 19.31 3.28
C GLN B 197 9.93 20.27 2.62
N SER B 198 9.44 20.97 1.58
CA SER B 198 10.28 21.94 0.87
C SER B 198 9.49 23.14 0.45
N LEU B 199 10.16 24.30 0.37
CA LEU B 199 9.54 25.54 -0.01
C LEU B 199 10.60 26.44 -0.59
N SER B 200 10.21 27.30 -1.57
CA SER B 200 11.10 28.29 -2.15
C SER B 200 10.97 29.66 -1.45
N ILE B 201 12.09 30.36 -1.33
CA ILE B 201 12.18 31.67 -0.67
C ILE B 201 12.74 32.69 -1.68
N GLU B 202 12.04 33.81 -1.82
CA GLU B 202 12.46 34.91 -2.66
C GLU B 202 13.46 35.77 -1.86
N LEU B 203 14.66 35.89 -2.37
CA LEU B 203 15.68 36.72 -1.73
C LEU B 203 15.35 38.21 -1.89
N SER B 204 15.74 39.03 -0.88
CA SER B 204 15.54 40.48 -0.86
C SER B 204 16.31 41.19 -1.99
N VAL C 18 12.28 24.83 -9.72
CA VAL C 18 12.07 23.78 -8.71
C VAL C 18 10.56 23.55 -8.50
N ASN C 19 10.13 22.30 -8.71
CA ASN C 19 8.73 21.93 -8.59
C ASN C 19 8.51 20.47 -8.20
N THR C 20 7.27 20.19 -7.81
CA THR C 20 6.76 18.85 -7.52
C THR C 20 5.97 18.41 -8.76
N THR C 21 6.35 17.31 -9.39
CA THR C 21 5.57 16.74 -10.48
C THR C 21 4.50 15.88 -9.83
N MET C 22 3.27 16.06 -10.24
CA MET C 22 2.13 15.33 -9.70
C MET C 22 1.34 14.74 -10.88
N SER C 23 1.02 13.43 -10.81
CA SER C 23 0.24 12.73 -11.83
C SER C 23 -1.07 12.33 -11.21
N VAL C 24 -2.15 12.71 -11.82
CA VAL C 24 -3.48 12.40 -11.29
C VAL C 24 -4.33 11.85 -12.41
N GLN C 25 -5.08 10.82 -12.07
CA GLN C 25 -5.92 10.12 -12.99
C GLN C 25 -7.24 10.87 -13.18
N MET C 26 -7.71 10.96 -14.41
CA MET C 26 -8.99 11.57 -14.77
C MET C 26 -10.13 11.12 -13.80
N ASP C 27 -11.00 12.09 -13.36
CA ASP C 27 -12.16 11.89 -12.46
C ASP C 27 -11.83 11.73 -10.98
N LYS C 28 -10.55 11.60 -10.65
CA LYS C 28 -10.14 11.48 -9.26
C LYS C 28 -9.96 12.89 -8.68
N LYS C 29 -9.91 12.99 -7.34
CA LYS C 29 -9.71 14.24 -6.63
C LYS C 29 -8.18 14.52 -6.51
N ALA C 30 -7.77 15.77 -6.70
CA ALA C 30 -6.37 16.20 -6.53
C ALA C 30 -6.28 17.17 -5.35
N LEU C 31 -5.25 17.04 -4.53
CA LEU C 31 -4.98 17.93 -3.41
C LEU C 31 -3.58 18.43 -3.52
N LEU C 32 -3.42 19.75 -3.63
CA LEU C 32 -2.11 20.39 -3.80
C LEU C 32 -1.81 21.16 -2.55
N CYS C 33 -0.88 20.68 -1.78
CA CYS C 33 -0.52 21.26 -0.50
C CYS C 33 0.44 22.41 -0.68
N CYS C 34 0.08 23.55 -0.14
CA CYS C 34 0.98 24.68 -0.28
C CYS C 34 2.18 24.56 0.73
N PHE C 35 1.86 24.28 1.99
CA PHE C 35 2.78 23.99 3.11
C PHE C 35 1.90 23.47 4.22
N SER C 36 2.50 22.79 5.21
CA SER C 36 1.74 22.34 6.38
C SER C 36 2.58 22.57 7.59
N SER C 37 2.37 23.72 8.25
CA SER C 37 3.15 24.10 9.42
C SER C 37 2.43 25.17 10.24
N PRO C 38 2.37 25.01 11.58
CA PRO C 38 1.77 26.09 12.40
C PRO C 38 2.72 27.30 12.56
N LEU C 39 3.97 27.17 12.10
CA LEU C 39 4.99 28.20 12.24
C LEU C 39 5.08 29.22 11.13
N ILE C 40 4.47 28.95 9.97
CA ILE C 40 4.54 29.90 8.85
C ILE C 40 3.44 30.97 9.02
N ASN C 41 3.78 32.22 9.26
CA ASN C 41 2.66 33.14 9.44
C ASN C 41 2.29 33.92 8.20
N ALA C 42 1.51 33.25 7.35
CA ALA C 42 1.07 33.74 6.05
C ALA C 42 0.00 34.82 6.18
N VAL C 43 0.19 35.95 5.51
CA VAL C 43 -0.79 37.02 5.52
C VAL C 43 -1.73 36.89 4.30
N LEU C 44 -1.15 36.59 3.14
CA LEU C 44 -1.82 36.38 1.87
C LEU C 44 -1.32 35.09 1.19
N ILE C 45 -2.23 34.24 0.72
CA ILE C 45 -1.91 33.01 -0.03
C ILE C 45 -2.63 33.08 -1.37
N THR C 46 -1.90 32.96 -2.46
CA THR C 46 -2.47 33.03 -3.82
C THR C 46 -2.04 31.82 -4.64
N TRP C 47 -2.97 31.17 -5.33
CA TRP C 47 -2.64 30.13 -6.30
C TRP C 47 -2.78 30.72 -7.69
N ILE C 48 -1.75 30.63 -8.53
CA ILE C 48 -1.80 31.05 -9.95
C ILE C 48 -1.76 29.77 -10.77
N ILE C 49 -2.79 29.55 -11.62
CA ILE C 49 -2.97 28.35 -12.41
C ILE C 49 -2.79 28.67 -13.88
N LYS C 50 -1.80 28.06 -14.52
CA LYS C 50 -1.41 28.26 -15.91
C LYS C 50 -1.49 27.01 -16.75
N HIS C 51 -1.95 27.17 -17.98
CA HIS C 51 -2.16 26.04 -18.90
C HIS C 51 -1.47 26.31 -20.23
N ARG C 52 -1.23 25.27 -21.02
CA ARG C 52 -0.57 25.43 -22.30
C ARG C 52 -1.46 26.25 -23.25
N HIS C 53 -2.77 25.95 -23.27
CA HIS C 53 -3.71 26.67 -24.13
C HIS C 53 -4.79 27.47 -23.41
N LEU C 54 -5.39 26.91 -22.37
CA LEU C 54 -6.43 27.57 -21.60
C LEU C 54 -6.00 28.85 -20.87
N PRO C 55 -6.90 29.84 -20.67
CA PRO C 55 -6.49 31.04 -19.94
C PRO C 55 -6.19 30.71 -18.48
N SER C 56 -5.27 31.50 -17.93
CA SER C 56 -4.80 31.45 -16.55
CA SER C 56 -4.82 31.43 -16.55
C SER C 56 -5.91 31.90 -15.59
N CYS C 57 -5.89 31.43 -14.34
CA CYS C 57 -6.82 31.85 -13.29
C CYS C 57 -6.14 31.85 -11.90
N THR C 58 -6.78 32.43 -10.90
CA THR C 58 -6.21 32.61 -9.55
C THR C 58 -7.25 32.42 -8.46
N ILE C 59 -6.84 31.85 -7.33
CA ILE C 59 -7.61 31.73 -6.08
C ILE C 59 -6.69 32.34 -5.02
N ALA C 60 -7.19 33.31 -4.26
CA ALA C 60 -6.41 34.02 -3.24
C ALA C 60 -7.16 34.10 -1.94
N TYR C 61 -6.43 34.07 -0.82
CA TYR C 61 -7.02 34.16 0.50
C TYR C 61 -6.20 35.10 1.34
N ASN C 62 -6.86 36.15 1.86
CA ASN C 62 -6.22 37.08 2.77
C ASN C 62 -6.53 36.57 4.19
N LEU C 63 -5.52 36.00 4.89
CA LEU C 63 -5.67 35.42 6.23
C LEU C 63 -5.84 36.48 7.33
N ASP C 64 -5.28 37.68 7.08
CA ASP C 64 -5.38 38.80 7.98
C ASP C 64 -6.82 39.33 7.98
N LYS C 65 -7.34 39.74 6.78
CA LYS C 65 -8.67 40.32 6.58
C LYS C 65 -9.79 39.30 6.44
N LYS C 66 -9.46 37.98 6.48
CA LYS C 66 -10.40 36.85 6.33
C LYS C 66 -11.26 36.90 5.03
N THR C 67 -10.69 37.45 3.96
CA THR C 67 -11.36 37.59 2.67
C THR C 67 -10.76 36.68 1.60
N ASN C 68 -11.53 36.43 0.54
CA ASN C 68 -11.03 35.60 -0.55
C ASN C 68 -11.55 36.06 -1.90
N GLU C 69 -10.75 35.85 -2.96
CA GLU C 69 -11.04 36.16 -4.35
C GLU C 69 -10.83 34.87 -5.18
N THR C 70 -11.52 34.79 -6.32
CA THR C 70 -11.38 33.67 -7.25
C THR C 70 -11.73 34.10 -8.65
N SER C 71 -10.91 33.70 -9.61
CA SER C 71 -11.20 33.86 -11.03
C SER C 71 -11.27 32.44 -11.66
N CYS C 72 -11.22 31.36 -10.83
CA CYS C 72 -11.35 29.98 -11.32
C CYS C 72 -12.78 29.63 -11.10
N LEU C 73 -13.60 29.98 -12.12
CA LEU C 73 -15.05 29.81 -12.04
C LEU C 73 -15.56 28.70 -12.92
N GLY C 74 -16.34 27.81 -12.34
CA GLY C 74 -16.88 26.66 -13.07
C GLY C 74 -15.78 25.71 -13.55
N ARG C 75 -14.63 25.71 -12.85
CA ARG C 75 -13.49 24.87 -13.22
C ARG C 75 -13.24 23.81 -12.17
N ASN C 76 -14.10 23.70 -11.14
CA ASN C 76 -13.96 22.74 -10.04
C ASN C 76 -12.70 22.82 -9.19
N ILE C 77 -12.10 24.04 -9.11
CA ILE C 77 -10.89 24.41 -8.37
C ILE C 77 -11.32 25.28 -7.18
N THR C 78 -11.02 24.83 -5.95
CA THR C 78 -11.39 25.53 -4.71
C THR C 78 -10.31 25.26 -3.65
N TRP C 79 -10.46 25.92 -2.48
CA TRP C 79 -9.67 25.69 -1.28
C TRP C 79 -10.21 24.38 -0.69
N ALA C 80 -9.34 23.43 -0.32
CA ALA C 80 -9.75 22.14 0.26
C ALA C 80 -10.63 22.38 1.51
N SER C 81 -10.24 23.37 2.30
CA SER C 81 -10.92 23.91 3.50
C SER C 81 -10.39 25.34 3.68
N THR C 82 -10.95 26.12 4.60
CA THR C 82 -10.52 27.49 4.85
C THR C 82 -9.04 27.47 5.21
N PRO C 83 -8.19 28.21 4.46
CA PRO C 83 -6.74 28.15 4.74
C PRO C 83 -6.28 28.82 6.03
N ASP C 84 -5.40 28.07 6.77
CA ASP C 84 -4.76 28.52 8.01
C ASP C 84 -3.29 28.05 8.08
N HIS C 85 -3.02 26.85 8.64
CA HIS C 85 -1.67 26.27 8.77
C HIS C 85 -1.34 25.20 7.70
N SER C 86 -2.38 24.73 6.99
CA SER C 86 -2.29 23.75 5.91
C SER C 86 -3.06 24.24 4.64
N PRO C 87 -2.68 25.39 4.00
CA PRO C 87 -3.39 25.83 2.78
C PRO C 87 -3.24 24.79 1.67
N GLU C 88 -4.38 24.40 1.10
CA GLU C 88 -4.46 23.33 0.14
C GLU C 88 -5.50 23.61 -0.94
N LEU C 89 -5.09 23.47 -2.20
CA LEU C 89 -5.96 23.62 -3.35
C LEU C 89 -6.55 22.22 -3.61
N GLN C 90 -7.84 22.19 -3.97
CA GLN C 90 -8.56 20.99 -4.32
C GLN C 90 -9.15 21.09 -5.73
N ILE C 91 -9.01 20.02 -6.51
CA ILE C 91 -9.68 19.85 -7.81
C ILE C 91 -10.56 18.61 -7.54
N SER C 92 -11.85 18.82 -7.32
CA SER C 92 -12.77 17.74 -6.97
C SER C 92 -12.83 16.51 -7.92
N ALA C 93 -12.75 16.73 -9.24
CA ALA C 93 -12.74 15.68 -10.27
C ALA C 93 -11.88 16.20 -11.38
N VAL C 94 -10.66 15.71 -11.44
CA VAL C 94 -9.68 16.07 -12.44
C VAL C 94 -10.20 15.75 -13.88
N ALA C 95 -9.92 16.66 -14.81
CA ALA C 95 -10.28 16.56 -16.22
C ALA C 95 -9.03 17.00 -17.03
N LEU C 96 -9.01 16.76 -18.35
CA LEU C 96 -7.88 17.16 -19.19
C LEU C 96 -7.52 18.65 -19.06
N GLN C 97 -8.54 19.50 -18.91
CA GLN C 97 -8.37 20.96 -18.78
C GLN C 97 -7.53 21.40 -17.56
N HIS C 98 -7.36 20.51 -16.54
CA HIS C 98 -6.60 20.77 -15.33
C HIS C 98 -5.11 20.66 -15.43
N GLU C 99 -4.62 20.04 -16.51
CA GLU C 99 -3.18 19.89 -16.73
C GLU C 99 -2.54 21.28 -16.87
N GLY C 100 -1.51 21.52 -16.08
CA GLY C 100 -0.75 22.76 -16.08
C GLY C 100 0.05 22.96 -14.82
N THR C 101 0.43 24.22 -14.57
CA THR C 101 1.26 24.66 -13.44
C THR C 101 0.42 25.34 -12.40
N TYR C 102 0.59 24.92 -11.15
CA TYR C 102 -0.14 25.47 -10.03
C TYR C 102 0.91 26.04 -9.07
N THR C 103 0.99 27.38 -8.97
CA THR C 103 1.95 28.08 -8.15
C THR C 103 1.31 28.69 -6.94
N CYS C 104 1.79 28.34 -5.76
CA CYS C 104 1.29 28.90 -4.52
C CYS C 104 2.29 29.98 -4.07
N GLU C 105 1.84 31.23 -4.09
CA GLU C 105 2.62 32.40 -3.69
C GLU C 105 2.18 32.75 -2.29
N ILE C 106 3.12 32.74 -1.34
CA ILE C 106 2.83 33.06 0.04
C ILE C 106 3.48 34.39 0.41
N VAL C 107 2.68 35.31 0.98
CA VAL C 107 3.17 36.59 1.47
C VAL C 107 3.16 36.51 3.01
N THR C 108 4.32 36.70 3.62
CA THR C 108 4.48 36.69 5.08
C THR C 108 5.02 38.10 5.47
N PRO C 109 5.05 38.47 6.78
CA PRO C 109 5.64 39.77 7.15
C PRO C 109 7.10 39.94 6.72
N GLU C 110 7.87 38.83 6.55
CA GLU C 110 9.30 38.85 6.16
C GLU C 110 9.52 38.92 4.67
N GLY C 111 8.60 38.37 3.89
CA GLY C 111 8.76 38.36 2.44
C GLY C 111 7.95 37.28 1.75
N ASN C 112 8.43 36.85 0.59
CA ASN C 112 7.72 35.90 -0.24
C ASN C 112 8.30 34.50 -0.30
N LEU C 113 7.39 33.54 -0.20
CA LEU C 113 7.63 32.11 -0.33
C LEU C 113 6.82 31.55 -1.50
N GLU C 114 7.25 30.43 -2.09
CA GLU C 114 6.49 29.76 -3.17
C GLU C 114 6.63 28.27 -3.24
N LYS C 115 5.55 27.62 -3.66
CA LYS C 115 5.47 26.18 -3.91
C LYS C 115 4.92 26.02 -5.36
N VAL C 116 5.61 25.28 -6.22
CA VAL C 116 5.21 25.03 -7.59
C VAL C 116 4.89 23.54 -7.82
N TYR C 117 3.71 23.27 -8.41
CA TYR C 117 3.28 21.94 -8.83
C TYR C 117 3.08 21.92 -10.33
N ASP C 118 3.55 20.86 -10.96
CA ASP C 118 3.35 20.57 -12.36
C ASP C 118 2.38 19.39 -12.36
N LEU C 119 1.11 19.65 -12.67
CA LEU C 119 0.06 18.64 -12.66
C LEU C 119 -0.14 18.00 -14.04
N GLN C 120 0.02 16.67 -14.12
CA GLN C 120 -0.15 15.86 -15.34
C GLN C 120 -1.41 15.03 -15.15
N VAL C 121 -2.27 14.99 -16.18
CA VAL C 121 -3.49 14.20 -16.14
C VAL C 121 -3.29 12.89 -16.90
N LEU C 122 -3.58 11.76 -16.24
CA LEU C 122 -3.46 10.42 -16.81
C LEU C 122 -4.85 9.92 -17.17
N VAL C 123 -4.98 9.39 -18.39
CA VAL C 123 -6.23 8.83 -18.86
C VAL C 123 -6.01 7.32 -19.16
N PRO C 124 -6.64 6.41 -18.39
CA PRO C 124 -6.56 4.97 -18.73
C PRO C 124 -7.20 4.67 -20.10
N PRO C 125 -6.57 3.86 -20.99
CA PRO C 125 -7.21 3.59 -22.29
C PRO C 125 -8.42 2.67 -22.15
N GLU C 126 -9.41 2.79 -23.05
CA GLU C 126 -10.57 1.90 -23.07
C GLU C 126 -10.21 0.86 -24.12
N VAL C 127 -10.20 -0.41 -23.73
CA VAL C 127 -9.77 -1.49 -24.61
C VAL C 127 -10.86 -2.29 -25.26
N THR C 128 -10.53 -2.88 -26.37
CA THR C 128 -11.38 -3.79 -27.11
C THR C 128 -10.52 -4.81 -27.83
N TYR C 129 -11.08 -6.02 -27.99
CA TYR C 129 -10.41 -7.14 -28.62
C TYR C 129 -11.41 -7.84 -29.52
N PHE C 130 -10.96 -8.31 -30.67
CA PHE C 130 -11.83 -9.09 -31.52
C PHE C 130 -11.15 -9.87 -32.58
N PRO C 131 -11.65 -11.08 -32.93
CA PRO C 131 -11.08 -11.79 -34.09
C PRO C 131 -11.56 -11.15 -35.38
N GLY C 132 -10.77 -11.23 -36.42
CA GLY C 132 -11.13 -10.74 -37.74
C GLY C 132 -11.20 -11.87 -38.75
N LYS C 133 -11.36 -11.51 -40.02
CA LYS C 133 -11.42 -12.52 -41.08
C LYS C 133 -10.01 -13.06 -41.38
N ASN C 134 -9.91 -14.33 -41.77
CA ASN C 134 -8.67 -14.99 -42.17
C ASN C 134 -7.57 -15.01 -41.12
N ARG C 135 -7.85 -15.59 -39.94
CA ARG C 135 -6.87 -15.73 -38.87
C ARG C 135 -6.17 -14.42 -38.41
N THR C 136 -6.94 -13.32 -38.34
CA THR C 136 -6.46 -12.04 -37.87
C THR C 136 -7.13 -11.73 -36.51
N ALA C 137 -6.49 -10.87 -35.73
CA ALA C 137 -7.04 -10.44 -34.45
C ALA C 137 -6.75 -8.95 -34.33
N VAL C 138 -7.65 -8.23 -33.65
CA VAL C 138 -7.52 -6.77 -33.47
C VAL C 138 -7.54 -6.48 -31.98
N CYS C 139 -6.66 -5.56 -31.58
CA CYS C 139 -6.53 -5.06 -30.21
C CYS C 139 -6.47 -3.56 -30.30
N GLU C 140 -7.35 -2.87 -29.58
CA GLU C 140 -7.39 -1.40 -29.58
C GLU C 140 -7.37 -0.87 -28.17
N ALA C 141 -6.61 0.21 -27.97
CA ALA C 141 -6.48 0.94 -26.70
C ALA C 141 -6.84 2.41 -27.04
N MET C 142 -8.05 2.78 -26.74
CA MET C 142 -8.64 4.04 -27.11
C MET C 142 -8.43 5.18 -26.19
N ALA C 143 -7.97 6.28 -26.79
CA ALA C 143 -7.77 7.56 -26.13
C ALA C 143 -7.15 7.49 -24.71
N GLY C 144 -5.96 6.96 -24.61
CA GLY C 144 -5.22 6.91 -23.35
C GLY C 144 -4.21 8.03 -23.27
N LYS C 145 -3.80 8.37 -22.07
CA LYS C 145 -2.80 9.40 -21.87
C LYS C 145 -1.90 8.97 -20.71
N PRO C 146 -0.60 8.65 -20.96
CA PRO C 146 0.10 8.61 -22.28
C PRO C 146 -0.40 7.46 -23.15
N ALA C 147 0.10 7.33 -24.38
CA ALA C 147 -0.26 6.23 -25.26
C ALA C 147 0.01 4.88 -24.60
N ALA C 148 -0.93 3.95 -24.73
CA ALA C 148 -0.75 2.59 -24.25
C ALA C 148 0.21 1.87 -25.20
N GLN C 149 0.77 0.75 -24.75
CA GLN C 149 1.62 -0.08 -25.64
C GLN C 149 0.94 -1.42 -25.81
N ILE C 150 0.87 -1.87 -27.06
CA ILE C 150 0.23 -3.14 -27.40
C ILE C 150 1.28 -4.19 -27.78
N SER C 151 1.21 -5.36 -27.14
CA SER C 151 2.10 -6.47 -27.47
C SER C 151 1.30 -7.76 -27.54
N TRP C 152 1.69 -8.61 -28.50
CA TRP C 152 1.00 -9.87 -28.78
C TRP C 152 1.82 -11.11 -28.42
N THR C 153 1.11 -12.18 -28.05
CA THR C 153 1.66 -13.51 -27.79
C THR C 153 0.79 -14.54 -28.54
N PRO C 154 1.36 -15.38 -29.42
CA PRO C 154 2.78 -15.41 -29.89
C PRO C 154 3.06 -14.29 -30.89
N ASP C 155 4.27 -14.22 -31.43
CA ASP C 155 4.67 -13.21 -32.40
C ASP C 155 3.89 -13.38 -33.70
N GLY C 156 3.36 -12.28 -34.22
CA GLY C 156 2.67 -12.32 -35.49
C GLY C 156 3.18 -11.23 -36.41
N ASP C 157 2.55 -11.12 -37.57
CA ASP C 157 2.80 -10.06 -38.54
C ASP C 157 1.72 -9.02 -38.28
N CYS C 158 2.12 -7.92 -37.64
CA CYS C 158 1.28 -6.84 -37.15
C CYS C 158 1.49 -5.51 -37.79
N VAL C 159 0.39 -4.77 -37.84
CA VAL C 159 0.31 -3.38 -38.27
C VAL C 159 -0.34 -2.63 -37.10
N THR C 160 0.43 -1.75 -36.45
CA THR C 160 -0.05 -0.97 -35.31
C THR C 160 -0.12 0.48 -35.69
N LYS C 161 -1.32 1.06 -35.58
CA LYS C 161 -1.53 2.46 -35.94
C LYS C 161 -1.85 3.28 -34.70
N SER C 162 -1.07 4.36 -34.50
CA SER C 162 -1.32 5.22 -33.36
C SER C 162 -1.76 6.59 -33.89
N GLU C 163 -2.80 7.14 -33.28
CA GLU C 163 -3.37 8.40 -33.71
C GLU C 163 -3.36 9.35 -32.55
N SER C 164 -2.62 10.43 -32.67
CA SER C 164 -2.56 11.48 -31.65
C SER C 164 -3.75 12.37 -31.79
N HIS C 165 -4.44 12.67 -30.70
CA HIS C 165 -5.60 13.54 -30.71
C HIS C 165 -5.21 14.86 -30.13
N SER C 166 -5.84 15.96 -30.60
CA SER C 166 -5.56 17.31 -30.10
C SER C 166 -5.85 17.53 -28.61
N ASN C 167 -6.70 16.68 -27.97
CA ASN C 167 -6.91 16.72 -26.51
C ASN C 167 -5.74 16.13 -25.68
N GLY C 168 -4.74 15.54 -26.33
CA GLY C 168 -3.57 15.00 -25.64
C GLY C 168 -3.59 13.49 -25.41
N THR C 169 -4.65 12.82 -25.83
CA THR C 169 -4.77 11.39 -25.73
C THR C 169 -4.25 10.75 -27.05
N VAL C 170 -4.04 9.41 -27.05
CA VAL C 170 -3.56 8.64 -28.20
C VAL C 170 -4.37 7.37 -28.28
N THR C 171 -4.90 7.08 -29.48
CA THR C 171 -5.59 5.84 -29.77
C THR C 171 -4.60 4.95 -30.47
N VAL C 172 -4.42 3.74 -29.97
CA VAL C 172 -3.53 2.72 -30.58
C VAL C 172 -4.40 1.55 -31.04
N ARG C 173 -4.31 1.14 -32.32
CA ARG C 173 -5.06 0.04 -32.93
C ARG C 173 -4.09 -0.93 -33.58
N SER C 174 -4.11 -2.19 -33.15
CA SER C 174 -3.20 -3.23 -33.68
C SER C 174 -3.96 -4.39 -34.33
N THR C 175 -3.57 -4.78 -35.55
CA THR C 175 -4.14 -5.89 -36.32
C THR C 175 -3.01 -6.87 -36.66
N CYS C 176 -3.12 -8.14 -36.22
CA CYS C 176 -2.14 -9.17 -36.55
C CYS C 176 -2.68 -10.29 -37.34
N HIS C 177 -1.75 -11.01 -37.91
CA HIS C 177 -2.00 -12.25 -38.62
C HIS C 177 -0.91 -13.21 -38.20
N TRP C 178 -1.29 -14.47 -38.00
CA TRP C 178 -0.36 -15.53 -37.65
C TRP C 178 -0.36 -16.54 -38.80
N GLU C 179 0.79 -16.76 -39.41
CA GLU C 179 0.83 -17.71 -40.52
C GLU C 179 0.76 -19.15 -39.98
N GLN C 180 1.61 -19.46 -38.97
CA GLN C 180 1.70 -20.74 -38.24
C GLN C 180 0.30 -21.28 -37.91
N ASN C 181 -0.13 -22.37 -38.60
CA ASN C 181 -1.45 -22.99 -38.41
C ASN C 181 -1.73 -23.66 -37.04
N ASN C 182 -0.65 -23.98 -36.28
CA ASN C 182 -0.72 -24.53 -34.91
C ASN C 182 -1.31 -23.53 -33.87
N VAL C 183 -1.34 -22.22 -34.22
CA VAL C 183 -1.80 -21.10 -33.38
C VAL C 183 -3.30 -20.95 -33.51
N SER C 184 -4.05 -21.13 -32.42
CA SER C 184 -5.51 -20.98 -32.47
C SER C 184 -6.02 -19.85 -31.55
N VAL C 185 -5.30 -19.63 -30.44
CA VAL C 185 -5.61 -18.61 -29.44
C VAL C 185 -4.42 -17.67 -29.29
N VAL C 186 -4.69 -16.37 -29.37
CA VAL C 186 -3.69 -15.31 -29.26
C VAL C 186 -4.01 -14.44 -28.06
N SER C 187 -2.96 -13.78 -27.55
CA SER C 187 -3.12 -12.92 -26.39
CA SER C 187 -3.11 -12.93 -26.38
C SER C 187 -2.63 -11.52 -26.65
N CYS C 188 -3.41 -10.53 -26.24
CA CYS C 188 -3.05 -9.12 -26.41
C CYS C 188 -2.87 -8.49 -25.05
N LEU C 189 -1.70 -7.88 -24.83
CA LEU C 189 -1.43 -7.10 -23.63
C LEU C 189 -1.43 -5.61 -23.96
N VAL C 190 -2.29 -4.86 -23.27
CA VAL C 190 -2.35 -3.40 -23.39
C VAL C 190 -1.68 -2.85 -22.11
N SER C 191 -0.42 -2.42 -22.23
CA SER C 191 0.30 -1.85 -21.08
C SER C 191 0.00 -0.33 -20.92
N HIS C 192 -0.16 0.09 -19.68
CA HIS C 192 -0.34 1.50 -19.37
C HIS C 192 0.05 1.75 -17.92
N SER C 193 0.62 2.93 -17.61
CA SER C 193 0.98 3.32 -16.23
C SER C 193 -0.20 3.24 -15.25
N THR C 194 -1.46 3.40 -15.73
CA THR C 194 -2.66 3.37 -14.86
C THR C 194 -3.15 1.95 -14.61
N GLY C 195 -2.50 0.94 -15.24
CA GLY C 195 -2.86 -0.47 -15.14
C GLY C 195 -2.89 -1.19 -16.48
N ASN C 196 -2.33 -2.40 -16.48
CA ASN C 196 -2.25 -3.29 -17.64
C ASN C 196 -3.56 -4.05 -17.84
N GLN C 197 -3.91 -4.37 -19.09
CA GLN C 197 -5.15 -5.10 -19.43
C GLN C 197 -4.79 -6.10 -20.51
N SER C 198 -5.23 -7.34 -20.35
CA SER C 198 -4.96 -8.37 -21.36
C SER C 198 -6.11 -9.31 -21.49
N LEU C 199 -6.28 -9.88 -22.70
CA LEU C 199 -7.35 -10.82 -22.99
C LEU C 199 -6.92 -11.69 -24.14
N SER C 200 -7.42 -12.94 -24.16
CA SER C 200 -7.13 -13.87 -25.24
C SER C 200 -8.25 -13.85 -26.32
N ILE C 201 -7.86 -14.03 -27.57
CA ILE C 201 -8.74 -14.03 -28.74
C ILE C 201 -8.62 -15.35 -29.49
N GLU C 202 -9.77 -15.99 -29.73
CA GLU C 202 -9.81 -17.24 -30.50
C GLU C 202 -9.84 -16.89 -31.98
N LEU C 203 -8.81 -17.29 -32.72
CA LEU C 203 -8.74 -17.04 -34.18
C LEU C 203 -9.83 -17.85 -34.92
N SER C 204 -10.33 -17.32 -36.06
CA SER C 204 -11.35 -17.94 -36.91
C SER C 204 -10.88 -19.26 -37.52
C1 NAG D . -28.10 -15.94 -11.00
C2 NAG D . -28.64 -14.57 -10.56
C3 NAG D . -29.20 -14.69 -9.14
C4 NAG D . -30.14 -15.89 -9.01
C5 NAG D . -29.44 -17.17 -9.44
C6 NAG D . -30.31 -18.42 -9.38
C7 NAG D . -27.46 -12.49 -11.23
C8 NAG D . -26.17 -11.74 -11.13
N2 NAG D . -27.51 -13.65 -10.58
O3 NAG D . -29.88 -13.49 -8.79
O4 NAG D . -30.59 -16.01 -7.66
O5 NAG D . -28.97 -17.05 -10.80
O6 NAG D . -31.17 -18.55 -10.51
O7 NAG D . -28.41 -12.07 -11.91
C1 NAG E . -19.77 -20.43 2.23
C2 NAG E . -19.41 -21.65 3.09
C3 NAG E . -20.00 -21.40 4.48
C4 NAG E . -19.47 -20.10 5.07
C5 NAG E . -19.76 -18.93 4.12
C6 NAG E . -19.11 -17.63 4.53
C7 NAG E . -19.18 -23.75 1.84
C8 NAG E . -19.87 -25.00 1.39
N2 NAG E . -19.94 -22.87 2.52
O3 NAG E . -19.70 -22.50 5.33
O4 NAG E . -20.09 -19.84 6.32
O5 NAG E . -19.24 -19.24 2.82
O6 NAG E . -19.26 -16.65 3.51
O7 NAG E . -17.99 -23.56 1.61
N CYS F . -13.53 -4.03 -10.61
CA CYS F . -12.72 -4.82 -11.57
C CYS F . -11.48 -3.98 -11.91
O CYS F . -11.58 -2.73 -11.90
CB CYS F . -13.52 -5.14 -12.82
SG CYS F . -13.67 -6.90 -13.25
OXT CYS F . -10.41 -4.57 -12.21
S SO4 G . -3.99 -37.07 6.22
O1 SO4 G . -2.53 -36.99 6.44
O2 SO4 G . -4.38 -36.44 4.95
O3 SO4 G . -4.69 -36.43 7.34
O4 SO4 G . -4.37 -38.48 6.16
S SO4 H . -20.42 -1.88 -14.32
O1 SO4 H . -18.99 -1.78 -14.59
O2 SO4 H . -21.04 -0.60 -14.66
O3 SO4 H . -20.64 -2.19 -12.90
O4 SO4 H . -21.03 -2.92 -15.15
C1 NAG I . -5.87 -30.47 6.08
C2 NAG I . -6.86 -29.68 6.95
C3 NAG I . -6.42 -29.63 8.42
C4 NAG I . -6.01 -31.00 8.93
C5 NAG I . -5.00 -31.64 7.98
C6 NAG I . -4.63 -33.05 8.38
C7 NAG I . -7.95 -27.76 5.87
C8 NAG I . -7.81 -26.31 5.52
N2 NAG I . -6.88 -28.34 6.39
O3 NAG I . -7.51 -29.13 9.19
O4 NAG I . -5.40 -30.85 10.21
O5 NAG I . -5.57 -31.73 6.67
O6 NAG I . -5.77 -33.90 8.33
O7 NAG I . -9.00 -28.38 5.68
C1 NAG J . 9.98 -14.20 6.68
C2 NAG J . 10.25 -12.88 5.97
C3 NAG J . 11.18 -13.12 4.78
C4 NAG J . 12.45 -13.85 5.23
C5 NAG J . 12.09 -15.14 5.98
C6 NAG J . 13.29 -15.85 6.58
C7 NAG J . 8.61 -11.02 5.93
C8 NAG J . 7.36 -10.50 5.28
N2 NAG J . 9.02 -12.24 5.52
O3 NAG J . 11.55 -11.86 4.22
O4 NAG J . 13.24 -14.15 4.08
O5 NAG J . 11.21 -14.84 7.06
O6 NAG J . 14.00 -15.06 7.53
O7 NAG J . 9.24 -10.38 6.77
C1 NAG K . -0.44 -20.65 -16.12
C2 NAG K . -0.46 -22.17 -16.37
C3 NAG K . 0.72 -22.74 -15.56
C4 NAG K . 2.04 -22.08 -15.99
C5 NAG K . 1.94 -20.56 -15.84
C6 NAG K . 3.14 -19.81 -16.39
C7 NAG K . -2.76 -23.02 -16.70
C8 NAG K . -3.98 -23.55 -16.02
N2 NAG K . -1.70 -22.75 -15.90
O3 NAG K . 0.79 -24.14 -15.74
O4 NAG K . 3.10 -22.59 -15.18
O5 NAG K . 0.79 -20.06 -16.55
O6 NAG K . 3.26 -19.96 -17.81
O7 NAG K . -2.72 -22.83 -17.92
C1 NAG L . -9.15 -4.93 32.26
C2 NAG L . -10.44 -5.27 31.50
C3 NAG L . -11.34 -4.05 31.45
C4 NAG L . -11.45 -3.36 32.82
C5 NAG L . -10.07 -3.06 33.40
C6 NAG L . -10.12 -2.43 34.78
C7 NAG L . -10.34 -6.76 29.53
C8 NAG L . -9.77 -6.89 28.14
N2 NAG L . -10.01 -5.63 30.17
O3 NAG L . -12.64 -4.43 30.99
O4 NAG L . -12.20 -2.15 32.67
O5 NAG L . -9.30 -4.27 33.51
O6 NAG L . -10.29 -3.38 35.82
O7 NAG L . -11.03 -7.62 30.05
C1 NAG M . -4.72 9.45 25.33
C2 NAG M . -4.06 10.81 25.55
C3 NAG M . -5.07 11.91 25.23
C4 NAG M . -5.64 11.73 23.83
C5 NAG M . -6.21 10.33 23.66
C6 NAG M . -6.61 10.00 22.23
C7 NAG M . -2.32 10.75 27.30
C8 NAG M . -2.03 10.95 28.77
N2 NAG M . -3.59 10.93 26.93
O3 NAG M . -4.44 13.18 25.36
O4 NAG M . -6.67 12.69 23.60
O5 NAG M . -5.23 9.36 24.00
O6 NAG M . -6.79 8.60 22.04
O7 NAG M . -1.43 10.46 26.51
N CYS N . -5.05 -10.02 14.83
CA CYS N . -3.57 -10.00 14.83
C CYS N . -3.03 -10.21 13.41
O CYS N . -3.11 -11.34 12.88
CB CYS N . -3.01 -11.06 15.79
SG CYS N . -2.24 -10.39 17.29
OXT CYS N . -2.52 -9.22 12.82
S SO4 O . 15.25 21.34 26.36
O1 SO4 O . 14.99 19.90 26.19
O2 SO4 O . 16.43 21.73 25.56
O3 SO4 O . 15.50 21.57 27.78
O4 SO4 O . 14.08 22.13 25.97
S SO4 P . -7.92 -2.68 28.81
O1 SO4 P . -6.60 -2.95 29.43
O2 SO4 P . -8.33 -1.29 29.02
O3 SO4 P . -8.91 -3.52 29.38
O4 SO4 P . -7.92 -3.02 27.39
S SO4 Q . -9.53 -14.63 18.58
O1 SO4 Q . -8.37 -14.49 17.69
O2 SO4 Q . -9.46 -13.65 19.67
O3 SO4 Q . -9.53 -15.99 19.14
O4 SO4 Q . -10.74 -14.43 17.81
C1 NAG R . 10.47 18.28 22.75
C2 NAG R . 9.00 18.65 22.53
C3 NAG R . 8.84 19.97 21.79
C4 NAG R . 9.75 21.05 22.36
C5 NAG R . 11.18 20.55 22.49
C6 NAG R . 12.11 21.53 23.16
C7 NAG R . 7.47 16.77 22.12
C8 NAG R . 6.91 15.85 21.09
N2 NAG R . 8.45 17.57 21.73
O3 NAG R . 7.48 20.38 21.89
O4 NAG R . 9.75 22.17 21.48
O5 NAG R . 11.19 19.37 23.30
O6 NAG R . 11.70 21.79 24.50
O7 NAG R . 7.03 16.79 23.27
C1 NAG S . 13.57 12.98 0.98
C2 NAG S . 13.26 11.79 0.07
C3 NAG S . 14.50 10.89 -0.01
C4 NAG S . 15.73 11.69 -0.43
C5 NAG S . 15.94 12.90 0.51
C6 NAG S . 17.06 13.82 0.08
C7 NAG S . 10.99 10.86 -0.19
C8 NAG S . 9.98 9.93 0.40
N2 NAG S . 12.11 11.03 0.53
O3 NAG S . 14.26 9.85 -0.95
O4 NAG S . 16.87 10.84 -0.42
O5 NAG S . 14.74 13.69 0.56
O6 NAG S . 16.86 14.39 -1.21
O7 NAG S . 10.82 11.42 -1.27
C1 NAG T . 16.55 -5.47 19.65
C2 NAG T . 17.44 -4.97 20.80
C3 NAG T . 18.36 -3.93 20.19
C4 NAG T . 19.18 -4.53 19.05
C5 NAG T . 18.27 -5.17 18.00
C6 NAG T . 19.01 -5.97 16.94
C7 NAG T . 16.22 -5.01 22.96
C8 NAG T . 15.32 -4.23 23.87
N2 NAG T . 16.62 -4.37 21.85
O3 NAG T . 19.22 -3.39 21.18
O4 NAG T . 19.96 -3.51 18.44
O5 NAG T . 17.36 -6.07 18.63
O6 NAG T . 19.64 -7.12 17.47
O7 NAG T . 16.56 -6.16 23.22
C1 NAG U . -14.64 32.79 0.32
C2 NAG U . -14.95 31.74 1.39
C3 NAG U . -16.45 31.43 1.38
C4 NAG U . -17.24 32.73 1.54
C5 NAG U . -16.91 33.65 0.37
C6 NAG U . -17.62 34.98 0.39
C7 NAG U . -13.31 30.07 2.15
C8 NAG U . -12.40 28.94 1.77
N2 NAG U . -14.15 30.52 1.21
O3 NAG U . -16.80 30.50 2.40
O4 NAG U . -18.63 32.48 1.63
O5 NAG U . -15.50 33.94 0.39
O6 NAG U . -17.06 35.84 -0.59
O7 NAG U . -13.30 30.53 3.30
C1 NAG V . -17.56 19.91 -11.40
C2 NAG V . -18.22 19.83 -12.76
C3 NAG V . -19.64 19.26 -12.57
C4 NAG V . -19.61 17.96 -11.76
C5 NAG V . -18.79 18.11 -10.48
C6 NAG V . -18.53 16.82 -9.74
C7 NAG V . -18.58 22.32 -13.11
C8 NAG V . -18.57 23.40 -14.14
N2 NAG V . -18.25 21.05 -13.56
O3 NAG V . -20.21 19.02 -13.85
O4 NAG V . -20.95 17.62 -11.40
O5 NAG V . -17.49 18.62 -10.82
O6 NAG V . -17.51 16.97 -8.75
O7 NAG V . -18.86 22.55 -11.94
N CYS W . -2.49 17.66 4.94
CA CYS W . -1.72 18.38 3.90
C CYS W . -0.34 17.68 3.77
O CYS W . -0.10 16.99 2.74
CB CYS W . -1.59 19.85 4.29
SG CYS W . -1.48 21.03 2.90
OXT CYS W . 0.46 17.72 4.73
S SO4 X . -7.47 16.46 -34.08
O1 SO4 X . -6.26 16.93 -34.81
O2 SO4 X . -8.20 17.64 -33.52
O3 SO4 X . -7.04 15.51 -33.04
O4 SO4 X . -8.33 15.81 -35.09
S SO4 Y . -4.79 23.91 10.32
O1 SO4 Y . -3.60 23.08 10.14
O2 SO4 Y . -4.90 24.89 9.25
O3 SO4 Y . -4.70 24.61 11.61
O4 SO4 Y . -5.99 23.07 10.29
C1 GOL Z . -17.14 28.14 -8.51
O1 GOL Z . -17.11 28.88 -9.72
C2 GOL Z . -16.40 28.87 -7.41
O2 GOL Z . -15.03 29.07 -7.80
C3 GOL Z . -16.43 28.09 -6.12
O3 GOL Z . -16.02 28.91 -5.02
C1 GOL AA . 0.76 42.06 8.11
O1 GOL AA . 1.92 41.63 7.41
C2 GOL AA . 0.73 41.53 9.54
O2 GOL AA . 2.01 41.01 9.89
C3 GOL AA . -0.34 40.48 9.74
O3 GOL AA . -0.04 39.63 10.85
C1 GOL BA . 6.37 -16.63 -29.66
O1 GOL BA . 6.82 -16.64 -31.00
C2 GOL BA . 6.74 -15.34 -28.98
O2 GOL BA . 8.13 -15.36 -28.62
C3 GOL BA . 5.90 -14.99 -27.77
O3 GOL BA . 5.84 -13.58 -27.60
C1 NAG CA . -10.04 12.80 -26.58
C2 NAG CA . -11.29 12.38 -25.81
C3 NAG CA . -11.82 11.04 -26.30
C4 NAG CA . -11.91 10.97 -27.81
C5 NAG CA . -10.60 11.44 -28.45
C6 NAG CA . -10.67 11.51 -29.96
C7 NAG CA . -11.41 13.05 -23.45
C8 NAG CA . -11.05 12.63 -22.05
N2 NAG CA . -10.92 12.27 -24.41
O3 NAG CA . -13.10 10.80 -25.74
O4 NAG CA . -12.13 9.62 -28.22
O5 NAG CA . -10.27 12.76 -27.99
O6 NAG CA . -11.65 12.46 -30.37
O7 NAG CA . -12.09 14.04 -23.69
C1 NAG DA . 2.65 -3.94 -17.53
C2 NAG DA . 3.47 -4.15 -16.24
C3 NAG DA . 4.88 -3.61 -16.51
C4 NAG DA . 5.51 -4.29 -17.72
C5 NAG DA . 4.61 -4.16 -18.94
C6 NAG DA . 5.07 -4.94 -20.16
C7 NAG DA . 2.45 -4.12 -14.00
C8 NAG DA . 2.02 -3.25 -12.86
N2 NAG DA . 2.88 -3.48 -15.10
O3 NAG DA . 5.69 -3.80 -15.35
O4 NAG DA . 6.77 -3.66 -18.01
O5 NAG DA . 3.28 -4.62 -18.63
O6 NAG DA . 5.07 -6.35 -19.94
O7 NAG DA . 2.41 -5.36 -13.93
C1 NAG EA . 9.35 20.79 -13.14
C2 NAG EA . 9.40 21.59 -14.44
C3 NAG EA . 9.66 20.58 -15.56
C4 NAG EA . 10.94 19.79 -15.30
C5 NAG EA . 10.90 19.13 -13.91
C6 NAG EA . 12.22 18.50 -13.52
C7 NAG EA . 7.92 23.58 -14.34
C8 NAG EA . 6.54 24.07 -14.60
N2 NAG EA . 8.14 22.29 -14.66
O3 NAG EA . 9.74 21.24 -16.81
O4 NAG EA . 11.08 18.79 -16.30
O5 NAG EA . 10.59 20.10 -12.91
O6 NAG EA . 13.25 19.46 -13.38
O7 NAG EA . 8.79 24.29 -13.86
#